data_8TH4
#
_entry.id   8TH4
#
_cell.length_a   1.00
_cell.length_b   1.00
_cell.length_c   1.00
_cell.angle_alpha   90.00
_cell.angle_beta   90.00
_cell.angle_gamma   90.00
#
_symmetry.space_group_name_H-M   'P 1'
#
loop_
_entity.id
_entity.type
_entity.pdbx_description
1 polymer 'Type-1 angiotensin II receptor Soluble cytochrome b562 complex'
2 polymer 'BAG2 Anti-BRIL Fab Heavy Chain'
3 polymer 'BAG2 Anti-BRIL Fab Light Chain'
4 polymer 'AT118-L Nanobody'
5 non-polymer [2-butyl-5-chloranyl-3-[[4-[2-(2H-1,2,3,4-tetrazol-5-yl)phenyl]phenyl]methyl]imidazol-4-yl]methanol
#
loop_
_entity_poly.entity_id
_entity_poly.type
_entity_poly.pdbx_seq_one_letter_code
_entity_poly.pdbx_strand_id
1 'polypeptide(L)'
;DYKDDDDKILNSSTEDGIKRIQDDCPKAGRHNYIFVMIPTLYSIIFVVGIFGNSLVVIVIYFYMKLKTVASVFLLNLALA
DLCFLLTLPLWAVYTAMEYRWPFGNYLCKIASASVSFNLYASVFLLTCLSIDRYLAIVHPMKSRLRRTMLVAKVTCIIIW
LLAGLASLPAIIHRNVFFIENTNITVCAFHYESQNSTLPIGLGLTKNILGFLFPFLIILTSYTLIWKALKKAYDLEDNWE
TLNDNLKVIEKADNAAQVKDALTKMRAAALDAQKATPPKLEDKSPDSPEMKDFRHGFDILVGQIDDALKLANEGKVKEAQ
AAAEQLKTTRNAYIQKYLERARSTLDKLNDDIFKIIMAIVLFFFFSWIPHQIFTFLDVLIQLGIIRDCRIADIVDTAMPI
TICIAYFNNCLNPLFYGFLGKKFKRYFLQLLKY
;
A
2 'polypeptide(L)'
;EISEVQLVESGGGLVQPGGSLRLSCAASGFNVVDFSLHWVRQAPGKGLEWVAYISSSSGSTSYADSVKGRFTISADTSKN
TAYLQMNSLRAEDTAVYYCARWGYWPGEPWWKAFDYWGQGTLVTVSSASTKGPSVFPLAPSSKSTSGGTAALGCLVKDYF
PEPVTVSWNSGALTSGVHTFPAVLQSSGLYSLSSVVTVPSSSLGTQTYICNVNHKPSNTKVDKKVEPKSCD
;
C
3 'polypeptide(L)'
;DIQMTQSPSSLSASVGDRVTITCRASQSVSSAVAWYQQKPGKAPKLLIYSASSLYSGVPSRFSGSRSGTDFTLTISSLQP
EDFATYYCQQYLYYSLVTFGQGTKVEIKRTVAAPSVFIFPPSDEQLKSGTASVVCLLNNFYPREAKVQWKVDNALQSGNS
QESVTEQDSKDSTYSLSSTLTLSKADYEKHKVYACEVTHQGLSSPVTKSFNRGEC
;
D
4 'polypeptide(L)'
;EVQLVESGGGLVQPGGSLRLSCAASGYIYSRYRMGWYRQAPGKGREFVAAISGGSSTNYADSVKGRFTISRDNSKNTVYL
QMNSLRAEDTAVYYCAAYKIDSNPRVYWGQGTQVTVSSGKPIPNPLLGLDSTLEHHHHHH
;
B
#
loop_
_chem_comp.id
_chem_comp.type
_chem_comp.name
_chem_comp.formula
LSN non-polymer [2-butyl-5-chloranyl-3-[[4-[2-(2H-1,2,3,4-tetrazol-5-yl)phenyl]phenyl]methyl]imidazol-4-yl]methanol 'C22 H23 Cl N6 O'
#
# COMPACT_ATOMS: atom_id res chain seq x y z
N ALA A 28 24.66 25.67 -21.25
CA ALA A 28 25.59 26.77 -21.46
C ALA A 28 24.90 28.12 -21.27
N GLY A 29 25.22 29.07 -22.14
CA GLY A 29 24.59 30.37 -22.08
C GLY A 29 23.12 30.36 -22.43
N ARG A 30 22.67 29.33 -23.15
CA ARG A 30 21.25 29.21 -23.47
C ARG A 30 20.41 29.04 -22.21
N HIS A 31 20.97 28.42 -21.18
CA HIS A 31 20.25 28.20 -19.93
C HIS A 31 20.06 29.47 -19.12
N ASN A 32 20.72 30.58 -19.50
CA ASN A 32 20.53 31.83 -18.78
C ASN A 32 19.11 32.36 -18.94
N TYR A 33 18.52 32.18 -20.12
CA TYR A 33 17.18 32.71 -20.37
C TYR A 33 16.15 32.07 -19.44
N ILE A 34 16.19 30.75 -19.29
CA ILE A 34 15.26 30.08 -18.39
C ILE A 34 15.61 30.38 -16.94
N PHE A 35 16.90 30.41 -16.61
CA PHE A 35 17.33 30.55 -15.22
C PHE A 35 17.19 31.97 -14.69
N VAL A 36 16.93 32.95 -15.56
CA VAL A 36 16.65 34.30 -15.06
C VAL A 36 15.28 34.35 -14.39
N MET A 37 14.40 33.39 -14.69
CA MET A 37 13.10 33.31 -14.04
C MET A 37 13.11 32.45 -12.78
N ILE A 38 14.23 31.80 -12.46
CA ILE A 38 14.33 31.07 -11.20
C ILE A 38 14.25 32.02 -10.00
N PRO A 39 15.00 33.12 -9.94
CA PRO A 39 14.91 33.98 -8.73
C PRO A 39 13.53 34.55 -8.47
N THR A 40 12.76 34.88 -9.51
CA THR A 40 11.43 35.42 -9.26
C THR A 40 10.49 34.34 -8.71
N LEU A 41 10.67 33.10 -9.14
CA LEU A 41 9.93 31.99 -8.55
C LEU A 41 10.31 31.83 -7.07
N TYR A 42 11.59 31.98 -6.76
CA TYR A 42 12.02 31.94 -5.37
C TYR A 42 11.37 33.06 -4.56
N SER A 43 11.30 34.26 -5.15
CA SER A 43 10.72 35.40 -4.44
C SER A 43 9.23 35.20 -4.18
N ILE A 44 8.50 34.71 -5.18
CA ILE A 44 7.07 34.49 -4.99
C ILE A 44 6.83 33.38 -3.98
N ILE A 45 7.65 32.33 -4.01
CA ILE A 45 7.57 31.28 -3.00
C ILE A 45 7.83 31.86 -1.62
N PHE A 46 8.84 32.73 -1.52
CA PHE A 46 9.21 33.31 -0.23
C PHE A 46 8.08 34.14 0.35
N VAL A 47 7.49 35.01 -0.47
CA VAL A 47 6.43 35.88 0.06
C VAL A 47 5.18 35.05 0.40
N VAL A 48 4.81 34.11 -0.47
CA VAL A 48 3.62 33.30 -0.21
C VAL A 48 3.81 32.48 1.07
N GLY A 49 4.98 31.87 1.22
CA GLY A 49 5.23 31.08 2.43
C GLY A 49 5.29 31.93 3.68
N ILE A 50 6.01 33.05 3.62
CA ILE A 50 6.18 33.88 4.81
C ILE A 50 4.86 34.51 5.24
N PHE A 51 3.89 34.62 4.33
CA PHE A 51 2.56 35.05 4.77
C PHE A 51 1.73 33.88 5.28
N GLY A 52 1.62 32.82 4.46
CA GLY A 52 0.71 31.73 4.79
C GLY A 52 1.12 30.96 6.02
N ASN A 53 2.41 30.64 6.15
CA ASN A 53 2.85 29.87 7.31
C ASN A 53 2.77 30.68 8.58
N SER A 54 3.00 32.00 8.51
CA SER A 54 2.77 32.85 9.68
C SER A 54 1.30 32.83 10.08
N LEU A 55 0.40 32.93 9.10
CA LEU A 55 -1.01 32.81 9.41
C LEU A 55 -1.34 31.46 10.01
N VAL A 56 -0.71 30.40 9.50
CA VAL A 56 -0.93 29.05 10.03
C VAL A 56 -0.48 28.97 11.49
N VAL A 57 0.68 29.57 11.79
CA VAL A 57 1.19 29.56 13.16
C VAL A 57 0.21 30.27 14.09
N ILE A 58 -0.23 31.47 13.70
CA ILE A 58 -1.12 32.22 14.59
C ILE A 58 -2.45 31.51 14.75
N VAL A 59 -2.96 30.92 13.66
CA VAL A 59 -4.23 30.19 13.72
C VAL A 59 -4.11 28.99 14.66
N ILE A 60 -3.06 28.18 14.49
CA ILE A 60 -2.90 27.00 15.30
C ILE A 60 -2.74 27.37 16.77
N TYR A 61 -1.96 28.41 17.06
CA TYR A 61 -1.75 28.76 18.46
C TYR A 61 -2.98 29.39 19.10
N PHE A 62 -3.76 30.16 18.35
CA PHE A 62 -4.88 30.89 18.96
C PHE A 62 -6.20 30.14 18.86
N TYR A 63 -6.65 29.85 17.64
CA TYR A 63 -7.99 29.29 17.46
C TYR A 63 -8.02 27.79 17.75
N MET A 64 -6.86 27.14 17.83
CA MET A 64 -6.81 25.73 18.16
C MET A 64 -6.11 25.45 19.48
N LYS A 65 -5.28 26.37 19.96
CA LYS A 65 -4.69 26.34 21.30
C LYS A 65 -3.84 25.10 21.55
N LEU A 66 -3.41 24.42 20.49
CA LEU A 66 -2.53 23.25 20.60
C LEU A 66 -3.11 22.19 21.54
N LYS A 67 -4.41 21.93 21.41
CA LYS A 67 -5.11 21.03 22.32
C LYS A 67 -4.97 19.56 21.94
N THR A 68 -4.27 19.25 20.86
CA THR A 68 -4.05 17.87 20.47
C THR A 68 -2.62 17.70 19.95
N VAL A 69 -2.20 16.45 19.89
CA VAL A 69 -0.84 16.12 19.45
C VAL A 69 -0.65 16.49 17.98
N ALA A 70 -1.68 16.34 17.15
CA ALA A 70 -1.57 16.68 15.75
C ALA A 70 -1.34 18.18 15.53
N SER A 71 -1.71 19.02 16.49
CA SER A 71 -1.47 20.45 16.36
C SER A 71 -0.01 20.81 16.62
N VAL A 72 0.66 20.08 17.52
CA VAL A 72 2.04 20.40 17.83
C VAL A 72 2.94 20.15 16.62
N PHE A 73 2.76 19.00 15.97
CA PHE A 73 3.62 18.66 14.83
C PHE A 73 3.39 19.61 13.66
N LEU A 74 2.14 19.98 13.40
CA LEU A 74 1.86 20.92 12.32
C LEU A 74 2.45 22.29 12.61
N LEU A 75 2.38 22.73 13.86
CA LEU A 75 2.97 24.02 14.23
C LEU A 75 4.48 24.00 14.06
N ASN A 76 5.13 22.88 14.40
CA ASN A 76 6.57 22.80 14.19
C ASN A 76 6.92 22.72 12.71
N LEU A 77 6.05 22.09 11.91
CA LEU A 77 6.26 22.13 10.46
C LEU A 77 6.21 23.56 9.95
N ALA A 78 5.25 24.34 10.45
CA ALA A 78 5.15 25.75 10.07
C ALA A 78 6.38 26.54 10.55
N LEU A 79 6.86 26.24 11.75
CA LEU A 79 8.06 26.93 12.25
C LEU A 79 9.28 26.59 11.41
N ALA A 80 9.44 25.33 11.01
CA ALA A 80 10.54 24.96 10.12
C ALA A 80 10.40 25.65 8.77
N ASP A 81 9.16 25.79 8.29
CA ASP A 81 8.94 26.54 7.06
C ASP A 81 9.37 28.00 7.22
N LEU A 82 9.05 28.61 8.35
CA LEU A 82 9.53 29.97 8.63
C LEU A 82 11.05 30.02 8.61
N CYS A 83 11.70 29.07 9.30
CA CYS A 83 13.15 29.07 9.39
C CYS A 83 13.78 28.93 8.02
N PHE A 84 13.22 28.08 7.17
CA PHE A 84 13.77 27.90 5.83
C PHE A 84 13.53 29.13 4.96
N LEU A 85 12.31 29.65 4.96
CA LEU A 85 11.98 30.79 4.11
C LEU A 85 12.71 32.06 4.55
N LEU A 86 13.15 32.13 5.81
CA LEU A 86 13.95 33.28 6.22
C LEU A 86 15.28 33.33 5.46
N THR A 87 15.89 32.17 5.22
CA THR A 87 17.15 32.09 4.51
C THR A 87 16.99 31.87 3.01
N LEU A 88 15.75 31.76 2.52
CA LEU A 88 15.54 31.59 1.08
C LEU A 88 16.01 32.77 0.23
N PRO A 89 15.77 34.04 0.57
CA PRO A 89 16.14 35.11 -0.38
C PRO A 89 17.62 35.21 -0.65
N LEU A 90 18.47 34.66 0.23
CA LEU A 90 19.90 34.61 -0.06
C LEU A 90 20.16 33.81 -1.33
N TRP A 91 19.54 32.64 -1.44
CA TRP A 91 19.69 31.84 -2.64
C TRP A 91 18.99 32.47 -3.85
N ALA A 92 17.96 33.29 -3.62
CA ALA A 92 17.32 33.99 -4.72
C ALA A 92 18.30 34.92 -5.41
N VAL A 93 19.00 35.75 -4.64
CA VAL A 93 20.01 36.64 -5.23
C VAL A 93 21.21 35.84 -5.69
N TYR A 94 21.51 34.71 -5.03
CA TYR A 94 22.64 33.89 -5.45
C TYR A 94 22.43 33.34 -6.86
N THR A 95 21.22 32.88 -7.15
CA THR A 95 20.89 32.44 -8.51
C THR A 95 20.71 33.62 -9.46
N ALA A 96 20.17 34.73 -8.96
CA ALA A 96 20.01 35.91 -9.80
C ALA A 96 21.35 36.48 -10.23
N MET A 97 22.30 36.57 -9.29
CA MET A 97 23.65 37.03 -9.60
C MET A 97 24.47 35.98 -10.34
N GLU A 98 23.88 34.84 -10.68
CA GLU A 98 24.56 33.75 -11.38
C GLU A 98 25.77 33.25 -10.60
N TYR A 99 25.49 32.73 -9.41
CA TYR A 99 26.49 32.09 -8.55
C TYR A 99 27.63 33.05 -8.22
N ARG A 100 27.28 34.12 -7.50
CA ARG A 100 28.24 35.12 -7.04
C ARG A 100 27.97 35.47 -5.58
N TRP A 101 27.82 34.44 -4.75
CA TRP A 101 27.49 34.56 -3.33
C TRP A 101 28.36 35.58 -2.60
N PRO A 102 27.80 36.74 -2.24
CA PRO A 102 28.61 37.77 -1.56
C PRO A 102 28.48 37.80 -0.05
N PHE A 103 27.55 37.03 0.53
CA PHE A 103 27.26 37.18 1.95
C PHE A 103 28.36 36.63 2.86
N GLY A 104 29.32 35.88 2.33
CA GLY A 104 30.45 35.45 3.11
C GLY A 104 30.31 34.03 3.62
N ASN A 105 31.38 33.59 4.28
CA ASN A 105 31.45 32.20 4.75
C ASN A 105 30.48 31.93 5.88
N TYR A 106 30.34 32.88 6.80
CA TYR A 106 29.48 32.68 7.96
C TYR A 106 28.01 32.57 7.60
N LEU A 107 27.62 33.02 6.41
CA LEU A 107 26.27 32.79 5.91
C LEU A 107 26.20 31.65 4.90
N CYS A 108 27.28 31.39 4.17
CA CYS A 108 27.31 30.23 3.29
C CYS A 108 27.23 28.94 4.08
N LYS A 109 27.74 28.93 5.31
CA LYS A 109 27.68 27.75 6.15
C LYS A 109 26.37 27.60 6.92
N ILE A 110 25.49 28.60 6.87
CA ILE A 110 24.24 28.53 7.63
C ILE A 110 23.03 28.49 6.72
N ALA A 111 23.12 29.07 5.53
CA ALA A 111 21.98 29.01 4.61
C ALA A 111 21.78 27.61 4.05
N SER A 112 22.87 26.97 3.61
CA SER A 112 22.79 25.59 3.16
C SER A 112 22.40 24.66 4.30
N ALA A 113 22.91 24.95 5.50
CA ALA A 113 22.50 24.18 6.67
C ALA A 113 21.01 24.33 6.92
N SER A 114 20.47 25.54 6.77
CA SER A 114 19.05 25.75 6.94
C SER A 114 18.24 24.98 5.91
N VAL A 115 18.72 24.95 4.66
CA VAL A 115 18.00 24.23 3.61
C VAL A 115 17.96 22.73 3.92
N SER A 116 19.12 22.14 4.22
CA SER A 116 19.16 20.71 4.51
C SER A 116 18.38 20.37 5.78
N PHE A 117 18.49 21.22 6.80
CA PHE A 117 17.73 21.02 8.02
C PHE A 117 16.24 21.11 7.76
N ASN A 118 15.82 22.01 6.88
CA ASN A 118 14.41 22.08 6.52
C ASN A 118 13.94 20.78 5.90
N LEU A 119 14.73 20.24 4.97
CA LEU A 119 14.35 18.96 4.37
C LEU A 119 14.21 17.87 5.43
N TYR A 120 15.24 17.72 6.27
CA TYR A 120 15.23 16.62 7.23
C TYR A 120 14.14 16.79 8.29
N ALA A 121 14.00 18.01 8.83
CA ALA A 121 12.98 18.25 9.84
C ALA A 121 11.58 18.07 9.26
N SER A 122 11.34 18.55 8.04
CA SER A 122 10.04 18.37 7.43
C SER A 122 9.71 16.90 7.23
N VAL A 123 10.67 16.11 6.75
CA VAL A 123 10.37 14.72 6.49
C VAL A 123 10.17 13.95 7.80
N PHE A 124 10.95 14.27 8.84
CA PHE A 124 10.76 13.62 10.12
C PHE A 124 9.41 13.99 10.74
N LEU A 125 9.03 15.27 10.64
CA LEU A 125 7.73 15.69 11.16
C LEU A 125 6.60 15.02 10.41
N LEU A 126 6.75 14.84 9.09
CA LEU A 126 5.73 14.16 8.32
C LEU A 126 5.60 12.70 8.73
N THR A 127 6.74 12.03 8.96
CA THR A 127 6.68 10.65 9.43
C THR A 127 6.00 10.54 10.79
N CYS A 128 6.34 11.46 11.70
CA CYS A 128 5.70 11.46 13.01
C CYS A 128 4.21 11.74 12.90
N LEU A 129 3.82 12.64 11.99
CA LEU A 129 2.41 12.92 11.78
C LEU A 129 1.66 11.69 11.26
N SER A 130 2.26 10.98 10.30
CA SER A 130 1.62 9.77 9.79
C SER A 130 1.51 8.69 10.86
N ILE A 131 2.58 8.53 11.67
CA ILE A 131 2.54 7.55 12.75
C ILE A 131 1.45 7.92 13.76
N ASP A 132 1.33 9.22 14.06
CA ASP A 132 0.30 9.65 14.99
C ASP A 132 -1.10 9.42 14.42
N ARG A 133 -1.29 9.66 13.13
CA ARG A 133 -2.59 9.40 12.52
C ARG A 133 -2.93 7.91 12.60
N TYR A 134 -1.95 7.05 12.32
CA TYR A 134 -2.18 5.62 12.44
C TYR A 134 -2.53 5.22 13.87
N LEU A 135 -1.79 5.76 14.85
CA LEU A 135 -2.06 5.44 16.25
C LEU A 135 -3.42 5.97 16.69
N ALA A 136 -3.83 7.13 16.18
CA ALA A 136 -5.09 7.73 16.62
C ALA A 136 -6.30 7.06 16.00
N ILE A 137 -6.20 6.59 14.75
CA ILE A 137 -7.37 6.01 14.09
C ILE A 137 -7.32 4.49 14.01
N VAL A 138 -6.27 3.87 14.56
CA VAL A 138 -6.20 2.41 14.59
C VAL A 138 -6.10 1.94 16.04
N HIS A 139 -5.51 2.75 16.90
CA HIS A 139 -5.37 2.45 18.32
C HIS A 139 -5.91 3.61 19.15
N PRO A 140 -7.23 3.86 19.08
CA PRO A 140 -7.79 5.04 19.76
C PRO A 140 -7.80 4.89 21.27
N MET A 141 -6.64 4.96 21.89
CA MET A 141 -6.51 4.85 23.34
C MET A 141 -5.86 6.09 23.94
N ARG A 147 -1.90 13.87 28.07
CA ARG A 147 -0.53 13.84 28.54
C ARG A 147 0.42 13.66 27.36
N THR A 148 -0.09 13.09 26.27
CA THR A 148 0.73 12.87 25.09
C THR A 148 1.20 14.16 24.45
N MET A 149 0.58 15.30 24.80
CA MET A 149 1.03 16.58 24.27
C MET A 149 2.47 16.87 24.68
N LEU A 150 2.81 16.59 25.95
CA LEU A 150 4.19 16.72 26.38
C LEU A 150 5.10 15.73 25.66
N VAL A 151 4.62 14.51 25.44
CA VAL A 151 5.37 13.55 24.63
C VAL A 151 5.56 14.08 23.22
N ALA A 152 4.53 14.75 22.68
CA ALA A 152 4.65 15.36 21.36
C ALA A 152 5.72 16.44 21.34
N LYS A 153 5.77 17.28 22.37
CA LYS A 153 6.78 18.32 22.43
C LYS A 153 8.18 17.74 22.55
N VAL A 154 8.33 16.68 23.35
CA VAL A 154 9.63 16.03 23.49
C VAL A 154 10.07 15.43 22.16
N THR A 155 9.14 14.76 21.46
CA THR A 155 9.47 14.20 20.15
C THR A 155 9.80 15.30 19.15
N CYS A 156 9.12 16.45 19.24
CA CYS A 156 9.43 17.58 18.38
C CYS A 156 10.84 18.10 18.61
N ILE A 157 11.24 18.23 19.88
CA ILE A 157 12.59 18.69 20.18
C ILE A 157 13.62 17.67 19.69
N ILE A 158 13.32 16.38 19.86
CA ILE A 158 14.22 15.34 19.38
C ILE A 158 14.34 15.41 17.86
N ILE A 159 13.22 15.68 17.17
CA ILE A 159 13.22 15.78 15.71
C ILE A 159 14.09 16.95 15.28
N TRP A 160 13.95 18.09 15.94
CA TRP A 160 14.76 19.26 15.58
C TRP A 160 16.23 18.99 15.81
N LEU A 161 16.57 18.34 16.93
CA LEU A 161 17.97 18.02 17.20
C LEU A 161 18.53 17.04 16.16
N LEU A 162 17.74 16.02 15.79
CA LEU A 162 18.19 15.07 14.79
C LEU A 162 18.37 15.72 13.42
N ALA A 163 17.45 16.62 13.05
CA ALA A 163 17.59 17.33 11.79
C ALA A 163 18.82 18.22 11.79
N GLY A 164 19.08 18.91 12.90
CA GLY A 164 20.30 19.69 13.01
C GLY A 164 21.55 18.85 12.91
N LEU A 165 21.52 17.66 13.51
CA LEU A 165 22.65 16.74 13.42
C LEU A 165 22.87 16.28 11.98
N ALA A 166 21.78 15.98 11.27
CA ALA A 166 21.89 15.53 9.89
C ALA A 166 22.27 16.65 8.93
N SER A 167 22.22 17.91 9.38
CA SER A 167 22.67 19.04 8.58
C SER A 167 24.14 19.35 8.81
N LEU A 168 24.85 18.50 9.54
CA LEU A 168 26.26 18.72 9.81
C LEU A 168 27.13 18.86 8.56
N PRO A 169 26.94 18.08 7.49
CA PRO A 169 27.78 18.29 6.29
C PRO A 169 27.74 19.71 5.76
N ALA A 170 26.58 20.36 5.79
CA ALA A 170 26.52 21.76 5.37
C ALA A 170 27.15 22.68 6.40
N ILE A 171 27.13 22.28 7.68
CA ILE A 171 27.81 23.07 8.71
C ILE A 171 29.30 23.07 8.47
N ILE A 172 29.87 21.91 8.15
CA ILE A 172 31.32 21.77 8.09
C ILE A 172 31.87 22.10 6.71
N HIS A 173 31.41 21.37 5.69
CA HIS A 173 32.11 21.36 4.41
C HIS A 173 31.73 22.51 3.50
N ARG A 174 30.50 23.03 3.61
CA ARG A 174 30.13 24.19 2.82
C ARG A 174 31.06 25.35 3.14
N ASN A 175 31.56 26.01 2.09
CA ASN A 175 32.56 27.04 2.27
C ASN A 175 32.59 27.94 1.05
N VAL A 176 32.90 29.22 1.27
CA VAL A 176 33.02 30.17 0.17
C VAL A 176 34.31 29.90 -0.59
N PHE A 177 34.20 29.76 -1.90
CA PHE A 177 35.32 29.43 -2.76
C PHE A 177 35.48 30.51 -3.83
N PHE A 178 36.70 31.02 -3.98
CA PHE A 178 36.99 32.07 -4.94
C PHE A 178 37.24 31.45 -6.29
N ILE A 179 36.35 31.72 -7.26
CA ILE A 179 36.46 31.11 -8.58
C ILE A 179 37.65 31.73 -9.31
N GLU A 180 38.59 30.87 -9.69
CA GLU A 180 39.78 31.27 -10.47
C GLU A 180 40.53 32.36 -9.71
N ASN A 181 41.22 33.24 -10.43
CA ASN A 181 41.88 34.39 -9.85
C ASN A 181 40.96 35.60 -9.74
N THR A 182 39.73 35.48 -10.21
CA THR A 182 38.78 36.58 -10.14
C THR A 182 38.27 36.76 -8.72
N ASN A 183 37.32 37.68 -8.55
CA ASN A 183 36.71 37.94 -7.26
C ASN A 183 35.38 37.24 -7.09
N ILE A 184 35.01 36.36 -8.03
CA ILE A 184 33.76 35.61 -7.92
C ILE A 184 33.86 34.64 -6.75
N THR A 185 32.83 34.62 -5.91
CA THR A 185 32.76 33.73 -4.77
C THR A 185 31.51 32.87 -4.86
N VAL A 186 31.65 31.58 -4.58
CA VAL A 186 30.55 30.64 -4.63
C VAL A 186 30.49 29.86 -3.33
N CYS A 187 29.27 29.54 -2.89
CA CYS A 187 29.07 28.73 -1.69
C CYS A 187 29.25 27.25 -2.06
N ALA A 188 30.47 26.92 -2.46
CA ALA A 188 30.79 25.60 -2.96
C ALA A 188 30.90 24.59 -1.83
N PHE A 189 30.65 23.33 -2.15
CA PHE A 189 30.80 22.23 -1.22
C PHE A 189 32.21 21.67 -1.34
N HIS A 190 33.00 21.80 -0.28
CA HIS A 190 34.42 21.47 -0.32
C HIS A 190 34.61 20.00 0.04
N TYR A 191 34.64 19.15 -0.99
CA TYR A 191 34.97 17.75 -0.78
C TYR A 191 36.47 17.58 -0.59
N GLU A 192 36.98 17.93 0.59
CA GLU A 192 38.41 17.78 0.83
C GLU A 192 38.79 16.31 0.72
N SER A 193 39.49 15.96 -0.35
CA SER A 193 39.78 14.56 -0.65
C SER A 193 40.95 14.10 0.21
N GLN A 194 41.17 12.78 0.23
CA GLN A 194 42.23 12.13 1.00
C GLN A 194 41.97 12.22 2.50
N ASN A 195 40.85 12.84 2.88
CA ASN A 195 40.40 12.82 4.26
C ASN A 195 38.89 12.63 4.34
N SER A 196 38.23 12.43 3.21
CA SER A 196 36.78 12.34 3.18
C SER A 196 36.30 11.28 2.19
N THR A 197 35.38 10.44 2.67
CA THR A 197 34.64 9.50 1.84
C THR A 197 33.23 10.03 1.56
N LEU A 198 32.88 11.16 2.17
CA LEU A 198 31.52 11.70 2.17
C LEU A 198 30.88 11.84 0.79
N PRO A 199 31.58 12.28 -0.29
CA PRO A 199 30.92 12.46 -1.59
C PRO A 199 29.93 11.37 -1.96
N ILE A 200 30.26 10.12 -1.67
CA ILE A 200 29.29 9.03 -1.81
C ILE A 200 28.22 9.13 -0.75
N GLY A 201 28.60 9.41 0.49
CA GLY A 201 27.65 9.38 1.60
C GLY A 201 26.60 10.47 1.50
N LEU A 202 27.02 11.70 1.20
CA LEU A 202 26.08 12.82 1.23
C LEU A 202 24.97 12.65 0.20
N GLY A 203 25.31 12.24 -1.01
CA GLY A 203 24.30 11.98 -2.01
C GLY A 203 23.38 10.83 -1.65
N LEU A 204 23.86 9.89 -0.83
CA LEU A 204 23.05 8.75 -0.42
C LEU A 204 22.38 8.95 0.93
N THR A 205 23.01 9.65 1.87
CA THR A 205 22.35 9.91 3.14
C THR A 205 21.09 10.75 2.96
N LYS A 206 21.10 11.65 1.97
CA LYS A 206 19.88 12.37 1.63
C LYS A 206 18.83 11.42 1.05
N ASN A 207 19.23 10.63 0.05
CA ASN A 207 18.28 9.75 -0.64
C ASN A 207 17.78 8.63 0.24
N ILE A 208 18.43 8.35 1.36
CA ILE A 208 18.02 7.27 2.27
C ILE A 208 17.37 7.82 3.52
N LEU A 209 18.07 8.65 4.28
CA LEU A 209 17.51 9.19 5.52
C LEU A 209 16.41 10.21 5.25
N GLY A 210 16.50 10.95 4.14
CA GLY A 210 15.53 11.99 3.88
C GLY A 210 14.36 11.59 3.02
N PHE A 211 14.48 10.48 2.28
CA PHE A 211 13.34 10.06 1.47
C PHE A 211 13.02 8.57 1.55
N LEU A 212 14.00 7.72 1.82
CA LEU A 212 13.75 6.27 1.71
C LEU A 212 13.23 5.68 3.01
N PHE A 213 14.02 5.77 4.08
CA PHE A 213 13.54 5.32 5.38
C PHE A 213 12.26 6.02 5.82
N PRO A 214 12.10 7.33 5.67
CA PRO A 214 10.80 7.94 5.99
C PRO A 214 9.65 7.41 5.15
N PHE A 215 9.90 7.09 3.87
CA PHE A 215 8.82 6.61 3.02
C PHE A 215 8.29 5.27 3.51
N LEU A 216 9.18 4.38 3.92
CA LEU A 216 8.76 3.06 4.39
C LEU A 216 7.89 3.18 5.64
N ILE A 217 8.29 4.05 6.57
CA ILE A 217 7.51 4.23 7.79
C ILE A 217 6.15 4.82 7.47
N ILE A 218 6.11 5.82 6.59
CA ILE A 218 4.84 6.48 6.25
C ILE A 218 3.95 5.55 5.46
N LEU A 219 4.51 4.83 4.48
CA LEU A 219 3.71 3.89 3.69
C LEU A 219 3.16 2.77 4.56
N THR A 220 3.98 2.24 5.47
CA THR A 220 3.50 1.23 6.39
C THR A 220 2.42 1.77 7.31
N SER A 221 2.61 2.99 7.82
CA SER A 221 1.64 3.58 8.73
C SER A 221 0.34 3.96 8.03
N TYR A 222 0.35 4.06 6.71
CA TYR A 222 -0.87 4.39 5.96
C TYR A 222 -1.51 3.18 5.30
N THR A 223 -0.73 2.15 4.98
CA THR A 223 -1.33 0.88 4.56
C THR A 223 -2.09 0.24 5.72
N LEU A 224 -1.53 0.29 6.93
CA LEU A 224 -2.24 -0.20 8.10
C LEU A 224 -3.51 0.60 8.36
N ILE A 225 -3.47 1.90 8.06
CA ILE A 225 -4.67 2.72 8.20
C ILE A 225 -5.76 2.24 7.27
N TRP A 226 -5.40 1.92 6.02
CA TRP A 226 -6.37 1.45 5.05
C TRP A 226 -7.00 0.12 5.48
N LYS A 227 -6.19 -0.78 6.03
CA LYS A 227 -6.72 -2.06 6.50
C LYS A 227 -7.72 -1.87 7.63
N ALA A 228 -7.42 -0.98 8.58
CA ALA A 228 -8.35 -0.71 9.66
C ALA A 228 -9.61 -0.02 9.16
N LEU A 229 -9.49 0.79 8.12
CA LEU A 229 -10.67 1.42 7.54
C LEU A 229 -11.51 0.40 6.76
N LYS A 230 -10.85 -0.50 6.05
CA LYS A 230 -11.59 -1.50 5.28
C LYS A 230 -12.40 -2.42 6.18
N LYS A 231 -11.80 -2.87 7.29
CA LYS A 231 -12.55 -3.70 8.23
C LYS A 231 -13.70 -2.93 8.86
N ALA A 232 -13.48 -1.67 9.21
CA ALA A 232 -14.55 -0.85 9.77
C ALA A 232 -15.64 -0.57 8.75
N TYR A 233 -15.26 -0.33 7.49
CA TYR A 233 -16.25 -0.07 6.46
C TYR A 233 -17.07 -1.31 6.16
N ASP A 234 -16.43 -2.48 6.15
CA ASP A 234 -17.15 -3.72 5.83
C ASP A 234 -18.24 -3.99 6.86
N LEU A 235 -17.94 -3.81 8.15
CA LEU A 235 -18.95 -3.99 9.18
C LEU A 235 -20.08 -2.98 9.02
N GLU A 236 -19.74 -1.72 8.72
CA GLU A 236 -20.76 -0.70 8.52
C GLU A 236 -21.57 -0.95 7.25
N ASP A 237 -20.91 -1.36 6.17
CA ASP A 237 -21.62 -1.58 4.92
C ASP A 237 -22.57 -2.77 5.01
N ASN A 238 -22.11 -3.86 5.64
CA ASN A 238 -22.95 -5.04 5.76
C ASN A 238 -24.10 -4.82 6.75
N TRP A 239 -23.84 -4.11 7.85
CA TRP A 239 -24.92 -3.84 8.79
C TRP A 239 -25.96 -2.90 8.21
N GLU A 240 -25.56 -2.05 7.26
CA GLU A 240 -26.55 -1.26 6.54
C GLU A 240 -27.52 -2.16 5.78
N THR A 241 -26.98 -3.18 5.11
CA THR A 241 -27.82 -4.11 4.36
C THR A 241 -28.82 -4.82 5.27
N LEU A 242 -28.41 -5.10 6.51
CA LEU A 242 -29.34 -5.62 7.50
C LEU A 242 -30.42 -4.60 7.82
N ASN A 243 -30.03 -3.32 7.92
CA ASN A 243 -30.98 -2.29 8.31
C ASN A 243 -32.04 -2.06 7.24
N ASP A 244 -31.62 -1.85 5.99
CA ASP A 244 -32.59 -1.53 4.94
C ASP A 244 -33.55 -2.69 4.70
N ASN A 245 -33.02 -3.92 4.65
CA ASN A 245 -33.90 -5.06 4.43
C ASN A 245 -34.82 -5.30 5.62
N LEU A 246 -34.38 -4.94 6.83
CA LEU A 246 -35.26 -5.04 8.00
C LEU A 246 -36.45 -4.11 7.85
N LYS A 247 -36.24 -2.91 7.31
CA LYS A 247 -37.34 -1.99 7.06
C LYS A 247 -38.29 -2.55 6.01
N VAL A 248 -37.76 -3.30 5.06
CA VAL A 248 -38.57 -3.85 3.97
C VAL A 248 -39.58 -4.86 4.51
N ILE A 249 -39.18 -5.67 5.48
CA ILE A 249 -40.07 -6.71 6.00
C ILE A 249 -41.31 -6.10 6.64
N GLU A 250 -41.12 -5.05 7.44
CA GLU A 250 -42.24 -4.43 8.13
C GLU A 250 -43.22 -3.78 7.15
N LYS A 251 -42.71 -3.10 6.12
CA LYS A 251 -43.57 -2.35 5.23
C LYS A 251 -44.28 -3.24 4.21
N ALA A 252 -43.82 -4.47 4.02
CA ALA A 252 -44.37 -5.37 2.99
C ALA A 252 -44.94 -6.61 3.64
N ASP A 253 -46.13 -7.02 3.22
CA ASP A 253 -46.81 -8.20 3.72
C ASP A 253 -47.22 -9.10 2.56
N ASN A 254 -46.30 -9.30 1.62
CA ASN A 254 -46.57 -10.07 0.41
C ASN A 254 -46.21 -11.54 0.55
N ALA A 255 -45.64 -11.96 1.67
CA ALA A 255 -45.18 -13.32 1.97
C ALA A 255 -44.03 -13.75 1.08
N ALA A 256 -43.58 -12.91 0.16
CA ALA A 256 -42.43 -13.22 -0.68
C ALA A 256 -41.41 -12.10 -0.57
N GLN A 257 -41.88 -10.88 -0.29
CA GLN A 257 -40.97 -9.79 0.03
C GLN A 257 -40.23 -10.05 1.33
N VAL A 258 -40.87 -10.77 2.27
CA VAL A 258 -40.18 -11.17 3.49
C VAL A 258 -39.08 -12.17 3.17
N LYS A 259 -39.35 -13.11 2.26
CA LYS A 259 -38.32 -14.05 1.83
C LYS A 259 -37.15 -13.32 1.18
N ASP A 260 -37.44 -12.41 0.26
CA ASP A 260 -36.37 -11.70 -0.43
C ASP A 260 -35.56 -10.84 0.52
N ALA A 261 -36.23 -10.16 1.46
CA ALA A 261 -35.51 -9.32 2.40
C ALA A 261 -34.70 -10.16 3.40
N LEU A 262 -35.26 -11.28 3.85
CA LEU A 262 -34.55 -12.11 4.83
C LEU A 262 -33.32 -12.76 4.20
N THR A 263 -33.41 -13.15 2.93
CA THR A 263 -32.28 -13.80 2.26
C THR A 263 -31.08 -12.86 2.19
N LYS A 264 -31.33 -11.59 1.85
CA LYS A 264 -30.23 -10.63 1.78
C LYS A 264 -29.72 -10.25 3.16
N MET A 265 -30.53 -10.39 4.21
CA MET A 265 -30.05 -10.12 5.55
C MET A 265 -29.12 -11.21 6.04
N ARG A 266 -29.44 -12.47 5.77
CA ARG A 266 -28.59 -13.58 6.19
C ARG A 266 -27.23 -13.51 5.52
N ALA A 267 -27.21 -13.17 4.23
CA ALA A 267 -25.94 -13.01 3.53
C ALA A 267 -25.13 -11.83 4.05
N ALA A 268 -25.80 -10.78 4.50
CA ALA A 268 -25.12 -9.64 5.11
C ALA A 268 -24.62 -9.95 6.52
N ALA A 269 -25.39 -10.76 7.26
CA ALA A 269 -24.95 -11.15 8.60
C ALA A 269 -23.70 -12.02 8.54
N LEU A 270 -23.64 -12.94 7.58
CA LEU A 270 -22.46 -13.77 7.44
C LEU A 270 -21.24 -12.95 7.05
N ASP A 271 -21.42 -12.01 6.12
CA ASP A 271 -20.30 -11.18 5.67
C ASP A 271 -19.77 -10.30 6.79
N ALA A 272 -20.67 -9.71 7.59
CA ALA A 272 -20.24 -8.85 8.68
C ALA A 272 -19.51 -9.63 9.76
N GLN A 273 -19.83 -10.92 9.92
CA GLN A 273 -19.16 -11.73 10.93
C GLN A 273 -17.68 -11.92 10.62
N LYS A 274 -17.29 -11.82 9.35
CA LYS A 274 -15.89 -11.92 8.95
C LYS A 274 -15.15 -10.60 8.99
N ALA A 275 -15.86 -9.48 9.20
CA ALA A 275 -15.23 -8.16 9.26
C ALA A 275 -14.75 -7.89 10.68
N THR A 276 -13.70 -8.61 11.05
CA THR A 276 -13.11 -8.44 12.38
C THR A 276 -12.40 -7.10 12.45
N PRO A 277 -12.70 -6.26 13.46
CA PRO A 277 -12.05 -4.95 13.64
C PRO A 277 -10.56 -5.06 13.90
N MET A 290 -12.89 -11.09 21.25
CA MET A 290 -12.97 -11.83 19.99
C MET A 290 -14.20 -12.72 19.95
N LYS A 291 -14.41 -13.48 21.02
CA LYS A 291 -15.55 -14.39 21.08
C LYS A 291 -16.87 -13.62 21.08
N ASP A 292 -16.90 -12.46 21.75
CA ASP A 292 -18.14 -11.69 21.82
C ASP A 292 -18.60 -11.24 20.44
N PHE A 293 -17.66 -10.83 19.59
CA PHE A 293 -18.01 -10.44 18.23
C PHE A 293 -18.57 -11.62 17.44
N ARG A 294 -17.93 -12.79 17.57
CA ARG A 294 -18.42 -13.97 16.88
C ARG A 294 -19.74 -14.45 17.49
N HIS A 295 -19.80 -14.55 18.82
CA HIS A 295 -21.02 -15.00 19.48
C HIS A 295 -22.16 -14.01 19.27
N GLY A 296 -21.83 -12.73 19.07
CA GLY A 296 -22.87 -11.75 18.82
C GLY A 296 -23.58 -11.97 17.50
N PHE A 297 -22.86 -12.43 16.48
CA PHE A 297 -23.45 -12.65 15.16
C PHE A 297 -24.00 -14.05 14.99
N ASP A 298 -23.52 -15.03 15.76
CA ASP A 298 -24.08 -16.38 15.68
C ASP A 298 -25.54 -16.38 16.08
N ILE A 299 -25.89 -15.63 17.12
CA ILE A 299 -27.29 -15.48 17.50
C ILE A 299 -28.04 -14.67 16.46
N LEU A 300 -27.39 -13.67 15.85
CA LEU A 300 -28.06 -12.81 14.88
C LEU A 300 -28.53 -13.61 13.67
N VAL A 301 -27.67 -14.48 13.14
CA VAL A 301 -28.07 -15.31 12.01
C VAL A 301 -29.13 -16.32 12.44
N GLY A 302 -29.05 -16.81 13.67
CA GLY A 302 -30.06 -17.71 14.17
C GLY A 302 -31.45 -17.12 14.19
N GLN A 303 -31.55 -15.82 14.49
CA GLN A 303 -32.85 -15.15 14.43
C GLN A 303 -33.31 -14.99 12.99
N ILE A 304 -32.40 -14.72 12.06
CA ILE A 304 -32.75 -14.65 10.65
C ILE A 304 -33.20 -16.02 10.16
N ASP A 305 -32.49 -17.08 10.57
CA ASP A 305 -32.91 -18.43 10.20
C ASP A 305 -34.28 -18.76 10.78
N ASP A 306 -34.54 -18.31 12.02
CA ASP A 306 -35.85 -18.51 12.61
C ASP A 306 -36.92 -17.74 11.82
N ALA A 307 -36.63 -16.49 11.48
CA ALA A 307 -37.60 -15.70 10.71
C ALA A 307 -37.82 -16.30 9.33
N LEU A 308 -36.75 -16.79 8.68
CA LEU A 308 -36.87 -17.43 7.38
C LEU A 308 -37.68 -18.72 7.45
N LYS A 309 -37.81 -19.31 8.63
CA LYS A 309 -38.54 -20.57 8.74
C LYS A 309 -40.03 -20.39 8.50
N LEU A 310 -40.65 -19.39 9.15
CA LEU A 310 -42.08 -19.19 8.98
C LEU A 310 -42.41 -18.42 7.71
N ALA A 311 -41.44 -17.77 7.09
CA ALA A 311 -41.70 -17.12 5.80
C ALA A 311 -41.98 -18.15 4.72
N ASN A 312 -41.41 -19.34 4.85
CA ASN A 312 -41.67 -20.41 3.88
C ASN A 312 -43.12 -20.85 3.93
N GLU A 313 -43.65 -21.08 5.13
CA GLU A 313 -45.00 -21.61 5.28
C GLU A 313 -46.04 -20.58 4.85
N GLY A 314 -45.84 -19.32 5.19
CA GLY A 314 -46.77 -18.27 4.80
C GLY A 314 -47.26 -17.43 5.95
N LYS A 315 -46.69 -17.63 7.14
CA LYS A 315 -47.06 -16.85 8.32
C LYS A 315 -46.34 -15.50 8.26
N VAL A 316 -46.91 -14.59 7.48
CA VAL A 316 -46.31 -13.27 7.29
C VAL A 316 -46.27 -12.51 8.61
N LYS A 317 -47.37 -12.55 9.37
CA LYS A 317 -47.44 -11.81 10.62
C LYS A 317 -46.41 -12.30 11.62
N GLU A 318 -46.18 -13.61 11.68
CA GLU A 318 -45.16 -14.17 12.55
C GLU A 318 -43.75 -13.97 12.00
N ALA A 319 -43.62 -13.66 10.72
CA ALA A 319 -42.29 -13.48 10.13
C ALA A 319 -41.61 -12.23 10.66
N GLN A 320 -42.31 -11.09 10.66
CA GLN A 320 -41.70 -9.87 11.16
C GLN A 320 -41.57 -9.85 12.68
N ALA A 321 -42.35 -10.67 13.38
CA ALA A 321 -42.19 -10.79 14.82
C ALA A 321 -40.81 -11.34 15.16
N ALA A 322 -40.34 -12.33 14.41
CA ALA A 322 -39.00 -12.86 14.62
C ALA A 322 -37.94 -11.90 14.09
N ALA A 323 -38.23 -11.17 13.02
CA ALA A 323 -37.28 -10.18 12.51
C ALA A 323 -37.18 -8.99 13.45
N GLU A 324 -38.24 -8.69 14.20
CA GLU A 324 -38.19 -7.58 15.15
C GLU A 324 -37.17 -7.83 16.25
N GLN A 325 -36.95 -9.10 16.60
CA GLN A 325 -35.99 -9.44 17.64
C GLN A 325 -34.56 -9.09 17.25
N LEU A 326 -34.30 -8.81 15.97
CA LEU A 326 -32.94 -8.48 15.54
C LEU A 326 -32.45 -7.21 16.22
N LYS A 327 -33.35 -6.26 16.50
CA LYS A 327 -32.94 -5.05 17.21
C LYS A 327 -32.46 -5.36 18.62
N THR A 328 -33.11 -6.32 19.29
CA THR A 328 -32.70 -6.70 20.63
C THR A 328 -31.28 -7.26 20.64
N THR A 329 -30.96 -8.11 19.66
CA THR A 329 -29.60 -8.65 19.57
C THR A 329 -28.59 -7.56 19.23
N ARG A 330 -28.98 -6.62 18.37
CA ARG A 330 -28.07 -5.54 17.98
C ARG A 330 -27.65 -4.70 19.18
N ASN A 331 -28.62 -4.34 20.03
CA ASN A 331 -28.34 -3.47 21.16
C ASN A 331 -27.50 -4.14 22.24
N ALA A 332 -27.36 -5.46 22.21
CA ALA A 332 -26.64 -6.20 23.24
C ALA A 332 -25.18 -6.44 22.88
N TYR A 333 -24.92 -7.12 21.76
CA TYR A 333 -23.57 -7.54 21.41
C TYR A 333 -22.98 -6.84 20.21
N ILE A 334 -23.80 -6.29 19.32
CA ILE A 334 -23.29 -5.75 18.06
C ILE A 334 -23.14 -4.24 18.14
N GLN A 335 -24.00 -3.59 18.91
CA GLN A 335 -23.92 -2.13 19.01
C GLN A 335 -22.61 -1.67 19.60
N LYS A 336 -22.04 -2.46 20.52
CA LYS A 336 -20.74 -2.11 21.08
C LYS A 336 -19.66 -2.07 20.00
N TYR A 337 -19.67 -3.06 19.10
CA TYR A 337 -18.72 -3.08 17.99
C TYR A 337 -19.17 -2.24 16.80
N LEU A 338 -20.41 -1.74 16.82
CA LEU A 338 -20.92 -0.93 15.73
C LEU A 338 -20.57 0.55 15.86
N GLU A 339 -20.39 1.03 17.10
CA GLU A 339 -20.00 2.42 17.28
C GLU A 339 -18.54 2.63 16.89
N ARG A 340 -17.68 1.65 17.17
CA ARG A 340 -16.27 1.79 16.81
C ARG A 340 -16.09 1.88 15.30
N ALA A 341 -16.88 1.12 14.54
CA ALA A 341 -16.79 1.18 13.09
C ALA A 341 -17.15 2.56 12.57
N ARG A 342 -18.21 3.18 13.11
CA ARG A 342 -18.55 4.53 12.71
C ARG A 342 -17.55 5.53 13.26
N SER A 343 -17.08 5.32 14.49
CA SER A 343 -16.10 6.23 15.07
C SER A 343 -14.80 6.24 14.26
N THR A 344 -14.33 5.06 13.86
CA THR A 344 -13.14 4.98 13.03
C THR A 344 -13.34 5.65 11.69
N LEU A 345 -14.50 5.40 11.05
CA LEU A 345 -14.80 6.06 9.78
C LEU A 345 -15.09 7.53 9.95
N ASP A 346 -15.39 7.99 11.17
CA ASP A 346 -15.59 9.41 11.41
C ASP A 346 -14.29 10.19 11.45
N LYS A 347 -13.15 9.51 11.62
CA LYS A 347 -11.87 10.19 11.61
C LYS A 347 -11.49 10.68 10.22
N LEU A 348 -12.04 10.08 9.17
CA LEU A 348 -11.88 10.64 7.83
C LEU A 348 -12.62 11.95 7.67
N ASN A 349 -13.71 12.13 8.43
CA ASN A 349 -14.44 13.39 8.41
C ASN A 349 -13.64 14.52 9.03
N ASP A 350 -12.62 14.20 9.83
CA ASP A 350 -11.79 15.22 10.43
C ASP A 350 -10.99 15.96 9.37
N ASP A 351 -10.93 17.29 9.50
CA ASP A 351 -10.13 18.09 8.58
C ASP A 351 -8.64 17.86 8.77
N ILE A 352 -8.23 17.37 9.94
CA ILE A 352 -6.81 17.11 10.17
C ILE A 352 -6.32 15.99 9.26
N PHE A 353 -7.08 14.91 9.12
CA PHE A 353 -6.69 13.82 8.24
C PHE A 353 -6.61 14.29 6.80
N LYS A 354 -7.54 15.13 6.38
CA LYS A 354 -7.50 15.67 5.02
C LYS A 354 -6.24 16.52 4.81
N ILE A 355 -5.88 17.33 5.81
CA ILE A 355 -4.73 18.21 5.66
C ILE A 355 -3.43 17.40 5.64
N ILE A 356 -3.30 16.46 6.57
CA ILE A 356 -2.05 15.69 6.68
C ILE A 356 -1.82 14.86 5.43
N MET A 357 -2.89 14.24 4.90
CA MET A 357 -2.76 13.46 3.68
C MET A 357 -2.30 14.32 2.52
N ALA A 358 -2.84 15.53 2.40
CA ALA A 358 -2.41 16.45 1.35
C ALA A 358 -0.95 16.86 1.54
N ILE A 359 -0.56 17.13 2.79
CA ILE A 359 0.81 17.57 3.06
C ILE A 359 1.80 16.46 2.75
N VAL A 360 1.52 15.24 3.21
CA VAL A 360 2.43 14.13 3.01
C VAL A 360 2.54 13.78 1.53
N LEU A 361 1.40 13.74 0.83
CA LEU A 361 1.41 13.32 -0.58
C LEU A 361 2.18 14.30 -1.44
N PHE A 362 1.98 15.61 -1.22
CA PHE A 362 2.68 16.61 -2.03
C PHE A 362 4.18 16.60 -1.74
N PHE A 363 4.56 16.37 -0.48
CA PHE A 363 5.97 16.42 -0.12
C PHE A 363 6.77 15.34 -0.84
N PHE A 364 6.22 14.13 -0.92
CA PHE A 364 6.93 13.05 -1.61
C PHE A 364 6.70 13.08 -3.11
N PHE A 365 5.65 13.75 -3.59
CA PHE A 365 5.48 13.93 -5.01
C PHE A 365 6.42 15.00 -5.56
N SER A 366 6.63 16.07 -4.78
CA SER A 366 7.52 17.15 -5.19
C SER A 366 8.99 16.81 -4.96
N TRP A 367 9.28 15.82 -4.12
CA TRP A 367 10.66 15.41 -3.87
C TRP A 367 11.10 14.26 -4.76
N ILE A 368 10.20 13.64 -5.50
CA ILE A 368 10.54 12.52 -6.38
C ILE A 368 11.40 12.96 -7.56
N PRO A 369 11.32 14.22 -8.10
CA PRO A 369 12.29 14.60 -9.14
C PRO A 369 13.70 14.73 -8.59
N HIS A 370 13.88 15.47 -7.50
CA HIS A 370 15.22 15.74 -7.00
C HIS A 370 15.86 14.50 -6.40
N GLN A 371 15.09 13.71 -5.65
CA GLN A 371 15.66 12.52 -5.02
C GLN A 371 16.12 11.51 -6.08
N ILE A 372 15.36 11.37 -7.16
CA ILE A 372 15.77 10.49 -8.25
C ILE A 372 17.02 11.04 -8.93
N PHE A 373 17.04 12.35 -9.20
CA PHE A 373 18.21 12.95 -9.84
C PHE A 373 19.42 12.97 -8.91
N THR A 374 19.19 13.06 -7.60
CA THR A 374 20.29 12.95 -6.66
C THR A 374 20.95 11.58 -6.74
N PHE A 375 20.14 10.52 -6.85
CA PHE A 375 20.69 9.17 -6.98
C PHE A 375 21.47 9.02 -8.28
N LEU A 376 21.00 9.69 -9.35
CA LEU A 376 21.76 9.66 -10.61
C LEU A 376 23.13 10.29 -10.42
N ASP A 377 23.22 11.37 -9.65
CA ASP A 377 24.51 11.99 -9.37
C ASP A 377 25.40 11.03 -8.58
N VAL A 378 24.82 10.30 -7.64
CA VAL A 378 25.61 9.34 -6.86
C VAL A 378 26.20 8.27 -7.76
N LEU A 379 25.41 7.73 -8.69
CA LEU A 379 25.91 6.73 -9.61
C LEU A 379 27.01 7.30 -10.49
N ILE A 380 26.82 8.52 -10.99
CA ILE A 380 27.80 9.12 -11.88
C ILE A 380 29.09 9.48 -11.13
N GLN A 381 29.04 9.62 -9.81
CA GLN A 381 30.24 9.96 -9.05
C GLN A 381 31.16 8.76 -8.91
N LEU A 382 30.62 7.55 -8.94
CA LEU A 382 31.42 6.33 -8.80
C LEU A 382 31.84 5.75 -10.14
N GLY A 383 31.54 6.43 -11.25
CA GLY A 383 31.89 5.91 -12.55
C GLY A 383 30.90 4.92 -13.13
N ILE A 384 29.73 4.76 -12.51
CA ILE A 384 28.73 3.83 -13.02
C ILE A 384 28.27 4.26 -14.41
N ILE A 385 28.04 5.56 -14.60
CA ILE A 385 27.62 6.11 -15.89
C ILE A 385 28.68 7.10 -16.35
N ARG A 386 29.06 7.01 -17.61
CA ARG A 386 30.04 7.90 -18.23
C ARG A 386 29.47 8.53 -19.48
N ASP A 387 28.22 8.97 -19.42
CA ASP A 387 27.52 9.55 -20.57
C ASP A 387 27.46 11.06 -20.41
N CYS A 388 27.78 11.78 -21.50
CA CYS A 388 27.67 13.23 -21.48
C CYS A 388 26.22 13.67 -21.33
N ARG A 389 25.30 12.99 -22.02
CA ARG A 389 23.89 13.33 -21.90
C ARG A 389 23.38 13.11 -20.49
N ILE A 390 23.78 12.00 -19.86
CA ILE A 390 23.38 11.72 -18.48
C ILE A 390 23.92 12.79 -17.55
N ALA A 391 25.18 13.16 -17.72
CA ALA A 391 25.75 14.24 -16.91
C ALA A 391 25.05 15.57 -17.20
N ASP A 392 24.73 15.83 -18.46
CA ASP A 392 24.09 17.09 -18.81
C ASP A 392 22.69 17.19 -18.22
N ILE A 393 21.89 16.12 -18.34
CA ILE A 393 20.53 16.16 -17.83
C ILE A 393 20.53 16.26 -16.31
N VAL A 394 21.49 15.61 -15.65
CA VAL A 394 21.60 15.73 -14.19
C VAL A 394 21.98 17.13 -13.79
N ASP A 395 22.94 17.74 -14.49
CA ASP A 395 23.46 19.04 -14.10
C ASP A 395 22.60 20.20 -14.57
N THR A 396 21.60 19.97 -15.41
CA THR A 396 20.74 21.04 -15.90
C THR A 396 19.31 20.96 -15.39
N ALA A 397 18.80 19.76 -15.10
CA ALA A 397 17.48 19.64 -14.51
C ALA A 397 17.48 19.80 -13.00
N MET A 398 18.62 19.55 -12.35
CA MET A 398 18.73 19.74 -10.90
C MET A 398 18.33 21.13 -10.42
N PRO A 399 18.67 22.23 -11.09
CA PRO A 399 18.17 23.53 -10.63
C PRO A 399 16.65 23.59 -10.53
N ILE A 400 15.93 22.96 -11.46
CA ILE A 400 14.48 22.96 -11.39
C ILE A 400 13.99 22.09 -10.25
N THR A 401 14.63 20.93 -10.05
CA THR A 401 14.16 19.99 -9.04
C THR A 401 14.26 20.59 -7.64
N ILE A 402 15.33 21.33 -7.35
CA ILE A 402 15.45 21.99 -6.05
C ILE A 402 14.32 22.97 -5.85
N CYS A 403 13.99 23.75 -6.89
CA CYS A 403 12.83 24.62 -6.81
C CYS A 403 11.55 23.82 -6.62
N ILE A 404 11.41 22.70 -7.35
CA ILE A 404 10.24 21.85 -7.20
C ILE A 404 10.20 21.22 -5.81
N ALA A 405 11.35 20.75 -5.32
CA ALA A 405 11.39 20.06 -4.04
C ALA A 405 10.94 20.96 -2.90
N TYR A 406 11.39 22.22 -2.92
CA TYR A 406 11.02 23.18 -1.89
C TYR A 406 9.85 24.06 -2.32
N PHE A 407 9.20 23.74 -3.43
CA PHE A 407 7.94 24.40 -3.79
C PHE A 407 6.85 24.06 -2.79
N ASN A 408 6.90 22.87 -2.19
CA ASN A 408 5.90 22.48 -1.20
C ASN A 408 5.99 23.35 0.05
N ASN A 409 7.08 24.09 0.20
CA ASN A 409 7.26 24.90 1.41
C ASN A 409 6.28 26.07 1.46
N CYS A 410 5.83 26.55 0.31
CA CYS A 410 4.84 27.61 0.25
C CYS A 410 3.44 27.09 -0.09
N LEU A 411 3.26 25.78 -0.17
CA LEU A 411 1.95 25.19 -0.44
C LEU A 411 1.32 24.55 0.79
N ASN A 412 2.08 24.36 1.86
CA ASN A 412 1.49 23.84 3.09
C ASN A 412 0.37 24.71 3.63
N PRO A 413 0.51 26.04 3.72
CA PRO A 413 -0.64 26.85 4.16
C PRO A 413 -1.84 26.77 3.24
N LEU A 414 -1.62 26.61 1.93
CA LEU A 414 -2.74 26.53 1.00
C LEU A 414 -3.53 25.24 1.17
N PHE A 415 -2.93 24.21 1.77
CA PHE A 415 -3.67 23.00 2.09
C PHE A 415 -4.52 23.14 3.34
N TYR A 416 -4.34 24.22 4.10
CA TYR A 416 -5.15 24.45 5.30
C TYR A 416 -6.50 25.05 4.93
N GLY A 417 -6.49 26.17 4.21
CA GLY A 417 -7.74 26.81 3.83
C GLY A 417 -8.53 26.05 2.78
N PHE A 418 -7.87 25.23 1.97
CA PHE A 418 -8.57 24.50 0.91
C PHE A 418 -9.37 23.33 1.48
N LEU A 419 -8.80 22.59 2.43
CA LEU A 419 -9.46 21.41 2.99
C LEU A 419 -9.96 21.61 4.41
N GLY A 420 -9.39 22.56 5.16
CA GLY A 420 -9.80 22.84 6.52
C GLY A 420 -11.00 23.75 6.60
N LYS A 421 -12.20 23.19 6.40
CA LYS A 421 -13.42 23.99 6.45
C LYS A 421 -13.50 24.83 7.72
N LYS A 422 -13.07 24.27 8.85
CA LYS A 422 -12.98 25.06 10.08
C LYS A 422 -11.96 26.17 9.95
N PHE A 423 -10.81 25.88 9.31
CA PHE A 423 -9.74 26.86 9.20
C PHE A 423 -10.13 28.07 8.37
N LYS A 424 -11.14 27.94 7.49
CA LYS A 424 -11.54 29.06 6.65
C LYS A 424 -12.06 30.23 7.50
N ARG A 425 -12.86 29.93 8.53
CA ARG A 425 -13.35 30.99 9.40
C ARG A 425 -12.22 31.54 10.27
N TYR A 426 -11.41 30.65 10.84
CA TYR A 426 -10.29 31.00 11.72
C TYR A 426 -10.63 32.12 12.71
N GLU B 4 -16.87 -45.19 10.69
CA GLU B 4 -16.99 -43.98 9.87
C GLU B 4 -18.47 -43.66 9.60
N VAL B 5 -18.72 -42.43 9.18
CA VAL B 5 -20.08 -41.98 8.87
C VAL B 5 -20.40 -42.31 7.43
N GLN B 6 -21.52 -42.98 7.19
CA GLN B 6 -21.93 -43.37 5.86
C GLN B 6 -23.42 -43.17 5.71
N LEU B 7 -23.86 -42.96 4.46
CA LEU B 7 -25.26 -42.81 4.13
C LEU B 7 -25.61 -43.78 3.01
N VAL B 8 -26.70 -44.51 3.17
CA VAL B 8 -27.13 -45.52 2.20
C VAL B 8 -28.60 -45.28 1.87
N GLU B 9 -28.93 -45.37 0.58
CA GLU B 9 -30.28 -45.15 0.10
C GLU B 9 -30.98 -46.50 -0.12
N SER B 10 -32.25 -46.42 -0.50
CA SER B 10 -33.07 -47.59 -0.82
C SER B 10 -34.37 -47.08 -1.44
N GLY B 11 -35.24 -48.03 -1.80
CA GLY B 11 -36.55 -47.69 -2.31
C GLY B 11 -36.62 -47.38 -3.78
N GLY B 12 -35.50 -47.41 -4.50
CA GLY B 12 -35.53 -47.15 -5.92
C GLY B 12 -36.17 -48.29 -6.70
N GLY B 13 -36.70 -47.94 -7.86
CA GLY B 13 -37.35 -48.93 -8.71
C GLY B 13 -37.99 -48.28 -9.92
N LEU B 14 -38.76 -49.09 -10.64
CA LEU B 14 -39.46 -48.66 -11.84
C LEU B 14 -40.96 -48.60 -11.53
N VAL B 15 -41.59 -47.49 -11.93
CA VAL B 15 -43.01 -47.30 -11.67
C VAL B 15 -43.58 -46.39 -12.75
N GLN B 16 -44.84 -46.62 -13.11
CA GLN B 16 -45.53 -45.76 -14.05
C GLN B 16 -45.75 -44.38 -13.43
N PRO B 17 -45.81 -43.33 -14.24
CA PRO B 17 -46.08 -41.99 -13.69
C PRO B 17 -47.40 -41.97 -12.92
N GLY B 18 -47.39 -41.25 -11.81
CA GLY B 18 -48.50 -41.27 -10.88
C GLY B 18 -48.41 -42.33 -9.81
N GLY B 19 -47.31 -43.07 -9.74
CA GLY B 19 -47.15 -44.11 -8.75
C GLY B 19 -46.64 -43.57 -7.42
N SER B 20 -46.03 -44.44 -6.64
CA SER B 20 -45.52 -44.07 -5.33
C SER B 20 -44.30 -44.92 -4.98
N LEU B 21 -43.33 -44.28 -4.34
CA LEU B 21 -42.14 -44.97 -3.85
C LEU B 21 -41.81 -44.46 -2.46
N ARG B 22 -41.00 -45.25 -1.73
CA ARG B 22 -40.67 -44.97 -0.35
C ARG B 22 -39.17 -44.78 -0.18
N LEU B 23 -38.56 -43.96 -1.02
CA LEU B 23 -37.13 -43.68 -0.94
C LEU B 23 -36.70 -43.37 0.48
N SER B 24 -35.85 -44.23 1.04
CA SER B 24 -35.41 -44.13 2.42
C SER B 24 -33.90 -43.90 2.46
N CYS B 25 -33.48 -42.91 3.24
CA CYS B 25 -32.08 -42.54 3.38
C CYS B 25 -31.62 -42.96 4.78
N ALA B 26 -31.04 -44.15 4.87
CA ALA B 26 -30.51 -44.62 6.14
C ALA B 26 -29.18 -43.96 6.45
N ALA B 27 -28.93 -43.75 7.74
CA ALA B 27 -27.72 -43.08 8.20
C ALA B 27 -27.01 -43.95 9.23
N SER B 28 -25.71 -43.71 9.37
CA SER B 28 -24.90 -44.41 10.35
C SER B 28 -23.75 -43.50 10.78
N GLY B 29 -23.20 -43.80 11.95
CA GLY B 29 -22.13 -43.01 12.50
C GLY B 29 -22.63 -41.80 13.27
N PHE B 30 -23.41 -40.95 12.61
CA PHE B 30 -24.01 -39.79 13.23
C PHE B 30 -25.47 -40.07 13.55
N ASN B 31 -26.20 -39.04 13.98
CA ASN B 31 -27.62 -39.16 14.27
C ASN B 31 -28.37 -38.03 13.58
N VAL B 32 -29.61 -38.33 13.17
CA VAL B 32 -30.43 -37.35 12.46
C VAL B 32 -30.82 -36.19 13.38
N VAL B 33 -30.76 -36.38 14.69
CA VAL B 33 -31.16 -35.33 15.61
C VAL B 33 -30.20 -34.14 15.58
N ASP B 34 -28.98 -34.33 15.10
CA ASP B 34 -28.00 -33.25 15.03
C ASP B 34 -27.54 -32.94 13.62
N PHE B 35 -28.27 -33.41 12.60
CA PHE B 35 -27.95 -33.12 11.21
C PHE B 35 -29.23 -33.03 10.40
N SER B 36 -29.16 -32.32 9.29
CA SER B 36 -30.29 -32.17 8.36
C SER B 36 -30.04 -33.06 7.16
N LEU B 37 -30.98 -33.96 6.89
CA LEU B 37 -30.85 -34.91 5.78
C LEU B 37 -31.59 -34.34 4.58
N HIS B 38 -30.83 -33.81 3.61
CA HIS B 38 -31.40 -33.23 2.41
C HIS B 38 -31.61 -34.30 1.35
N TRP B 39 -32.04 -33.88 0.18
CA TRP B 39 -32.20 -34.76 -0.97
C TRP B 39 -31.82 -34.00 -2.23
N VAL B 40 -30.73 -34.42 -2.87
CA VAL B 40 -30.26 -33.82 -4.10
C VAL B 40 -30.37 -34.86 -5.20
N ARG B 41 -30.97 -34.48 -6.32
CA ARG B 41 -31.18 -35.38 -7.44
C ARG B 41 -30.62 -34.77 -8.71
N GLN B 42 -30.29 -35.63 -9.67
CA GLN B 42 -29.83 -35.18 -10.97
C GLN B 42 -30.41 -36.09 -12.05
N ALA B 43 -31.03 -35.49 -13.05
CA ALA B 43 -31.54 -36.25 -14.17
C ALA B 43 -30.37 -36.87 -14.94
N PRO B 44 -30.59 -38.02 -15.60
CA PRO B 44 -29.49 -38.70 -16.29
C PRO B 44 -28.73 -37.78 -17.24
N GLY B 45 -27.46 -37.52 -16.92
CA GLY B 45 -26.64 -36.64 -17.71
C GLY B 45 -26.79 -35.15 -17.41
N LYS B 46 -27.62 -34.79 -16.44
CA LYS B 46 -27.87 -33.40 -16.10
C LYS B 46 -27.16 -33.04 -14.80
N GLY B 47 -27.25 -31.76 -14.42
CA GLY B 47 -26.62 -31.30 -13.21
C GLY B 47 -27.41 -31.63 -11.96
N LEU B 48 -26.78 -31.41 -10.81
CA LEU B 48 -27.42 -31.69 -9.53
C LEU B 48 -28.50 -30.66 -9.25
N GLU B 49 -29.61 -31.13 -8.70
CA GLU B 49 -30.75 -30.27 -8.36
C GLU B 49 -31.24 -30.60 -6.96
N TRP B 50 -31.48 -29.55 -6.18
CA TRP B 50 -32.00 -29.72 -4.82
C TRP B 50 -33.48 -30.09 -4.86
N VAL B 51 -33.90 -30.90 -3.88
CA VAL B 51 -35.27 -31.38 -3.84
C VAL B 51 -35.96 -30.94 -2.55
N ALA B 52 -35.46 -31.41 -1.42
CA ALA B 52 -36.11 -31.16 -0.14
C ALA B 52 -35.14 -31.46 0.99
N TYR B 53 -35.54 -31.10 2.21
CA TYR B 53 -34.70 -31.33 3.38
C TYR B 53 -35.58 -31.46 4.61
N ILE B 54 -35.00 -32.04 5.66
CA ILE B 54 -35.67 -32.21 6.94
C ILE B 54 -34.76 -31.66 8.03
N SER B 55 -35.33 -30.89 8.95
CA SER B 55 -34.64 -30.43 10.15
C SER B 55 -35.28 -31.14 11.32
N SER B 56 -34.71 -32.29 11.71
CA SER B 56 -35.30 -33.11 12.75
C SER B 56 -35.35 -32.38 14.08
N SER B 57 -34.27 -31.67 14.43
CA SER B 57 -34.24 -30.95 15.70
C SER B 57 -35.30 -29.85 15.73
N SER B 58 -35.43 -29.10 14.65
CA SER B 58 -36.36 -27.98 14.58
C SER B 58 -37.70 -28.34 13.97
N GLY B 59 -37.89 -29.59 13.53
CA GLY B 59 -39.13 -29.99 12.92
C GLY B 59 -39.44 -29.31 11.60
N SER B 60 -38.46 -28.65 10.99
CA SER B 60 -38.70 -27.90 9.77
C SER B 60 -38.70 -28.81 8.55
N THR B 61 -39.30 -28.31 7.46
CA THR B 61 -39.30 -29.00 6.20
C THR B 61 -39.52 -27.98 5.09
N SER B 62 -38.97 -28.27 3.93
CA SER B 62 -39.11 -27.40 2.76
C SER B 62 -38.96 -28.24 1.51
N TYR B 63 -39.33 -27.65 0.37
CA TYR B 63 -39.36 -28.38 -0.88
C TYR B 63 -38.92 -27.47 -2.01
N ALA B 64 -38.49 -28.09 -3.10
CA ALA B 64 -38.19 -27.34 -4.31
C ALA B 64 -39.48 -26.82 -4.94
N ASP B 65 -39.36 -25.74 -5.72
CA ASP B 65 -40.53 -25.15 -6.34
C ASP B 65 -41.23 -26.11 -7.28
N SER B 66 -40.45 -26.86 -8.08
CA SER B 66 -41.03 -27.90 -8.92
C SER B 66 -41.47 -29.12 -8.13
N VAL B 67 -41.13 -29.19 -6.83
CA VAL B 67 -41.47 -30.34 -6.01
C VAL B 67 -42.49 -29.99 -4.92
N LYS B 68 -42.61 -28.72 -4.53
CA LYS B 68 -43.54 -28.34 -3.47
C LYS B 68 -44.96 -28.75 -3.81
N GLY B 69 -45.63 -29.38 -2.85
CA GLY B 69 -46.98 -29.88 -3.05
C GLY B 69 -47.06 -31.20 -3.78
N ARG B 70 -45.93 -31.80 -4.14
CA ARG B 70 -45.89 -33.06 -4.87
C ARG B 70 -45.39 -34.22 -4.03
N PHE B 71 -44.22 -34.09 -3.42
CA PHE B 71 -43.63 -35.14 -2.61
C PHE B 71 -43.75 -34.78 -1.13
N THR B 72 -43.92 -35.81 -0.30
CA THR B 72 -43.99 -35.64 1.14
C THR B 72 -42.75 -36.27 1.77
N ILE B 73 -42.07 -35.49 2.61
CA ILE B 73 -40.81 -35.92 3.22
C ILE B 73 -41.04 -36.12 4.71
N SER B 74 -40.21 -36.97 5.30
CA SER B 74 -40.30 -37.27 6.72
C SER B 74 -38.99 -37.88 7.18
N ALA B 75 -38.78 -37.87 8.50
CA ALA B 75 -37.59 -38.44 9.10
C ALA B 75 -37.97 -39.26 10.32
N ASP B 76 -37.15 -40.24 10.65
CA ASP B 76 -37.36 -41.09 11.81
C ASP B 76 -36.04 -41.21 12.57
N THR B 77 -35.94 -40.51 13.70
CA THR B 77 -34.70 -40.51 14.47
C THR B 77 -34.50 -41.81 15.24
N SER B 78 -35.56 -42.59 15.46
CA SER B 78 -35.41 -43.83 16.19
C SER B 78 -34.54 -44.83 15.43
N LYS B 79 -34.75 -44.98 14.13
CA LYS B 79 -33.97 -45.88 13.30
C LYS B 79 -32.82 -45.20 12.59
N ASN B 80 -32.59 -43.91 12.86
CA ASN B 80 -31.49 -43.15 12.24
C ASN B 80 -31.58 -43.18 10.72
N THR B 81 -32.80 -43.05 10.20
CA THR B 81 -33.04 -43.10 8.76
C THR B 81 -34.03 -42.01 8.36
N ALA B 82 -33.93 -41.58 7.12
CA ALA B 82 -34.84 -40.60 6.54
C ALA B 82 -35.81 -41.28 5.59
N TYR B 83 -36.79 -40.51 5.12
CA TYR B 83 -37.82 -41.04 4.25
C TYR B 83 -38.23 -39.97 3.26
N LEU B 84 -38.82 -40.41 2.14
CA LEU B 84 -39.35 -39.50 1.14
C LEU B 84 -40.44 -40.22 0.37
N GLN B 85 -41.60 -39.57 0.22
CA GLN B 85 -42.75 -40.15 -0.45
C GLN B 85 -42.92 -39.50 -1.81
N MET B 86 -43.11 -40.32 -2.84
CA MET B 86 -43.29 -39.85 -4.20
C MET B 86 -44.76 -39.94 -4.57
N ASN B 87 -45.37 -38.81 -4.93
CA ASN B 87 -46.76 -38.76 -5.33
C ASN B 87 -46.86 -38.08 -6.69
N SER B 88 -47.65 -38.67 -7.59
CA SER B 88 -47.94 -38.11 -8.91
C SER B 88 -46.64 -37.87 -9.70
N LEU B 89 -45.98 -38.99 -10.01
CA LEU B 89 -44.73 -38.94 -10.74
C LEU B 89 -44.94 -38.44 -12.16
N ARG B 90 -43.91 -37.80 -12.71
CA ARG B 90 -43.89 -37.32 -14.08
C ARG B 90 -42.61 -37.76 -14.75
N ALA B 91 -42.51 -37.49 -16.06
CA ALA B 91 -41.33 -37.88 -16.83
C ALA B 91 -40.09 -37.16 -16.33
N GLU B 92 -40.22 -35.87 -15.98
CA GLU B 92 -39.07 -35.12 -15.48
C GLU B 92 -38.56 -35.67 -14.16
N ASP B 93 -39.43 -36.32 -13.38
CA ASP B 93 -39.06 -36.77 -12.04
C ASP B 93 -37.95 -37.81 -12.07
N THR B 94 -37.75 -38.51 -13.17
CA THR B 94 -36.71 -39.54 -13.23
C THR B 94 -35.33 -38.92 -13.01
N ALA B 95 -34.55 -39.54 -12.13
CA ALA B 95 -33.24 -39.02 -11.74
C ALA B 95 -32.53 -40.01 -10.82
N VAL B 96 -31.31 -39.67 -10.42
CA VAL B 96 -30.57 -40.42 -9.40
C VAL B 96 -30.61 -39.60 -8.12
N TYR B 97 -31.30 -40.10 -7.11
CA TYR B 97 -31.55 -39.35 -5.89
C TYR B 97 -30.44 -39.59 -4.88
N TYR B 98 -29.74 -38.53 -4.51
CA TYR B 98 -28.72 -38.58 -3.48
C TYR B 98 -29.25 -37.91 -2.23
N CYS B 99 -29.17 -38.61 -1.10
CA CYS B 99 -29.47 -38.02 0.20
C CYS B 99 -28.16 -37.56 0.82
N ALA B 100 -28.13 -36.32 1.27
CA ALA B 100 -26.93 -35.72 1.83
C ALA B 100 -27.23 -35.19 3.23
N ARG B 101 -26.17 -34.93 3.98
CA ARG B 101 -26.30 -34.45 5.35
C ARG B 101 -25.60 -33.10 5.45
N TRP B 102 -26.03 -32.30 6.42
CA TRP B 102 -25.56 -30.93 6.53
C TRP B 102 -25.78 -30.45 7.96
N GLY B 103 -24.75 -29.86 8.54
CA GLY B 103 -24.76 -29.47 9.93
C GLY B 103 -25.66 -28.28 10.20
N TYR B 104 -25.83 -27.99 11.48
CA TYR B 104 -26.67 -26.89 11.93
C TYR B 104 -25.83 -25.62 12.10
N TRP B 105 -26.53 -24.48 12.06
CA TRP B 105 -25.84 -23.20 11.90
C TRP B 105 -24.83 -22.91 12.99
N PRO B 106 -25.14 -23.00 14.30
CA PRO B 106 -24.14 -22.63 15.29
C PRO B 106 -22.92 -23.53 15.24
N GLY B 107 -21.80 -23.00 14.80
CA GLY B 107 -20.56 -23.73 14.70
C GLY B 107 -20.11 -23.90 13.27
N GLU B 108 -19.10 -24.77 13.10
CA GLU B 108 -18.49 -25.09 11.82
C GLU B 108 -19.30 -26.07 10.95
N PRO B 109 -19.91 -27.15 11.53
CA PRO B 109 -20.58 -28.14 10.67
C PRO B 109 -21.56 -27.57 9.67
N TRP B 110 -22.08 -26.37 9.91
CA TRP B 110 -22.90 -25.71 8.90
C TRP B 110 -22.07 -25.30 7.69
N TRP B 111 -20.88 -24.75 7.93
CA TRP B 111 -20.04 -24.25 6.85
C TRP B 111 -19.52 -25.34 5.94
N LYS B 112 -19.63 -26.60 6.33
CA LYS B 112 -19.07 -27.70 5.56
C LYS B 112 -19.98 -28.16 4.43
N ALA B 113 -21.18 -27.60 4.31
CA ALA B 113 -22.13 -27.98 3.25
C ALA B 113 -22.41 -29.48 3.30
N PHE B 114 -22.88 -30.03 2.18
CA PHE B 114 -23.10 -31.47 2.09
C PHE B 114 -21.75 -32.16 2.04
N ASP B 115 -21.28 -32.63 3.20
CA ASP B 115 -19.96 -33.23 3.30
C ASP B 115 -19.94 -34.73 3.02
N TYR B 116 -21.02 -35.44 3.34
CA TYR B 116 -21.11 -36.88 3.12
C TYR B 116 -22.41 -37.16 2.35
N TRP B 117 -22.27 -37.62 1.12
CA TRP B 117 -23.42 -37.91 0.27
C TRP B 117 -23.78 -39.38 0.33
N GLY B 118 -25.03 -39.67 -0.04
CA GLY B 118 -25.48 -41.04 -0.08
C GLY B 118 -24.97 -41.78 -1.30
N GLN B 119 -25.23 -43.09 -1.32
CA GLN B 119 -24.79 -43.91 -2.44
C GLN B 119 -25.56 -43.61 -3.72
N GLY B 120 -26.77 -43.08 -3.60
CA GLY B 120 -27.56 -42.75 -4.77
C GLY B 120 -28.52 -43.85 -5.18
N THR B 121 -29.77 -43.49 -5.45
CA THR B 121 -30.78 -44.43 -5.90
C THR B 121 -31.41 -43.92 -7.18
N LEU B 122 -31.76 -44.85 -8.07
CA LEU B 122 -32.29 -44.53 -9.38
C LEU B 122 -33.81 -44.66 -9.39
N VAL B 123 -34.48 -43.63 -9.89
CA VAL B 123 -35.94 -43.61 -10.00
C VAL B 123 -36.30 -43.36 -11.46
N THR B 124 -37.16 -44.22 -12.01
CA THR B 124 -37.60 -44.12 -13.39
C THR B 124 -39.11 -43.99 -13.45
N VAL B 125 -39.58 -43.24 -14.44
CA VAL B 125 -41.01 -43.03 -14.63
C VAL B 125 -41.45 -43.57 -15.99
N ASP C 1 -34.19 -17.54 -4.51
CA ASP C 1 -33.87 -18.19 -5.77
C ASP C 1 -32.57 -17.66 -6.34
N ILE C 2 -31.48 -17.88 -5.62
CA ILE C 2 -30.16 -17.43 -6.08
C ILE C 2 -29.69 -18.34 -7.20
N GLN C 3 -29.59 -17.79 -8.40
CA GLN C 3 -29.13 -18.54 -9.56
C GLN C 3 -27.60 -18.56 -9.55
N MET C 4 -27.03 -19.75 -9.76
CA MET C 4 -25.58 -19.93 -9.74
C MET C 4 -25.15 -20.37 -11.13
N THR C 5 -24.19 -19.64 -11.71
CA THR C 5 -23.75 -19.86 -13.07
C THR C 5 -22.27 -20.22 -13.11
N GLN C 6 -21.93 -21.26 -13.87
CA GLN C 6 -20.57 -21.71 -14.03
C GLN C 6 -20.08 -21.36 -15.44
N SER C 7 -18.92 -20.72 -15.52
CA SER C 7 -18.43 -20.20 -16.80
C SER C 7 -17.91 -21.30 -17.71
N PRO C 8 -16.91 -22.13 -17.30
CA PRO C 8 -16.38 -23.13 -18.23
C PRO C 8 -17.32 -24.32 -18.37
N SER C 9 -18.00 -24.41 -19.52
CA SER C 9 -18.94 -25.50 -19.73
C SER C 9 -18.23 -26.84 -19.75
N SER C 10 -17.10 -26.93 -20.45
CA SER C 10 -16.31 -28.18 -20.51
C SER C 10 -14.85 -27.79 -20.69
N LEU C 11 -14.12 -27.70 -19.58
CA LEU C 11 -12.71 -27.35 -19.64
C LEU C 11 -11.90 -28.49 -20.24
N SER C 12 -10.99 -28.14 -21.14
CA SER C 12 -10.10 -29.11 -21.76
C SER C 12 -8.66 -28.80 -21.33
N ALA C 13 -7.98 -29.80 -20.78
CA ALA C 13 -6.62 -29.62 -20.31
C ALA C 13 -5.90 -30.96 -20.30
N SER C 14 -4.58 -30.89 -20.19
CA SER C 14 -3.73 -32.08 -20.14
C SER C 14 -3.11 -32.20 -18.75
N VAL C 15 -2.50 -33.36 -18.51
CA VAL C 15 -1.91 -33.64 -17.21
C VAL C 15 -0.82 -32.63 -16.90
N GLY C 16 -0.80 -32.14 -15.66
CA GLY C 16 0.17 -31.14 -15.23
C GLY C 16 -0.25 -29.71 -15.44
N ASP C 17 -1.38 -29.47 -16.11
CA ASP C 17 -1.86 -28.12 -16.34
C ASP C 17 -2.49 -27.56 -15.06
N ARG C 18 -2.57 -26.23 -14.99
CA ARG C 18 -3.20 -25.54 -13.87
C ARG C 18 -4.54 -24.98 -14.35
N VAL C 19 -5.63 -25.58 -13.87
CA VAL C 19 -6.98 -25.30 -14.36
C VAL C 19 -7.72 -24.47 -13.32
N THR C 20 -8.70 -23.68 -13.79
CA THR C 20 -9.54 -22.87 -12.92
C THR C 20 -10.98 -22.98 -13.39
N ILE C 21 -11.92 -22.89 -12.44
CA ILE C 21 -13.35 -22.87 -12.74
C ILE C 21 -13.97 -21.70 -12.00
N THR C 22 -14.74 -20.89 -12.71
CA THR C 22 -15.27 -19.64 -12.18
C THR C 22 -16.78 -19.76 -11.97
N CYS C 23 -17.24 -19.32 -10.80
CA CYS C 23 -18.64 -19.38 -10.41
C CYS C 23 -19.14 -17.97 -10.10
N ARG C 24 -20.31 -17.62 -10.62
CA ARG C 24 -20.93 -16.33 -10.39
C ARG C 24 -22.34 -16.53 -9.87
N ALA C 25 -22.67 -15.86 -8.77
CA ALA C 25 -23.97 -15.99 -8.15
C ALA C 25 -24.86 -14.81 -8.52
N SER C 26 -26.17 -15.06 -8.54
CA SER C 26 -27.15 -14.02 -8.82
C SER C 26 -27.07 -12.92 -7.77
N GLN C 27 -27.39 -13.25 -6.53
CA GLN C 27 -27.28 -12.32 -5.41
C GLN C 27 -25.92 -12.51 -4.74
N SER C 28 -25.74 -11.89 -3.58
CA SER C 28 -24.56 -12.13 -2.75
C SER C 28 -24.86 -13.26 -1.78
N VAL C 29 -24.00 -14.27 -1.77
CA VAL C 29 -24.17 -15.43 -0.90
C VAL C 29 -23.08 -15.46 0.17
N SER C 30 -22.48 -14.31 0.47
CA SER C 30 -21.36 -14.20 1.43
C SER C 30 -20.26 -15.14 0.92
N SER C 31 -19.65 -15.94 1.81
CA SER C 31 -18.65 -16.92 1.40
C SER C 31 -19.20 -18.34 1.49
N ALA C 32 -20.53 -18.49 1.37
CA ALA C 32 -21.18 -19.79 1.49
C ALA C 32 -21.25 -20.44 0.12
N VAL C 33 -20.10 -20.93 -0.34
CA VAL C 33 -19.99 -21.63 -1.62
C VAL C 33 -19.15 -22.88 -1.41
N ALA C 34 -19.64 -24.01 -1.90
CA ALA C 34 -18.92 -25.27 -1.82
C ALA C 34 -18.68 -25.82 -3.21
N TRP C 35 -17.60 -26.58 -3.36
CA TRP C 35 -17.20 -27.16 -4.63
C TRP C 35 -17.16 -28.67 -4.51
N TYR C 36 -17.71 -29.35 -5.51
CA TYR C 36 -17.78 -30.81 -5.52
C TYR C 36 -17.07 -31.36 -6.75
N GLN C 37 -16.95 -32.68 -6.79
CA GLN C 37 -16.27 -33.36 -7.89
C GLN C 37 -16.94 -34.71 -8.07
N GLN C 38 -17.78 -34.82 -9.09
CA GLN C 38 -18.57 -36.03 -9.32
C GLN C 38 -17.89 -36.86 -10.41
N LYS C 39 -17.13 -37.86 -10.00
CA LYS C 39 -16.67 -38.86 -10.95
C LYS C 39 -17.87 -39.67 -11.46
N PRO C 40 -17.85 -40.14 -12.70
CA PRO C 40 -19.07 -40.67 -13.29
C PRO C 40 -19.45 -42.05 -12.76
N GLY C 41 -20.70 -42.19 -12.35
CA GLY C 41 -21.16 -43.38 -11.66
C GLY C 41 -20.97 -43.37 -10.17
N LYS C 42 -20.58 -42.24 -9.58
CA LYS C 42 -20.34 -42.14 -8.15
C LYS C 42 -20.92 -40.84 -7.63
N ALA C 43 -21.19 -40.82 -6.32
CA ALA C 43 -21.74 -39.64 -5.68
C ALA C 43 -20.67 -38.54 -5.61
N PRO C 44 -21.09 -37.28 -5.62
CA PRO C 44 -20.12 -36.17 -5.54
C PRO C 44 -19.37 -36.18 -4.22
N LYS C 45 -18.16 -35.63 -4.25
CA LYS C 45 -17.32 -35.50 -3.08
C LYS C 45 -17.01 -34.04 -2.84
N LEU C 46 -17.17 -33.59 -1.60
CA LEU C 46 -16.87 -32.20 -1.27
C LEU C 46 -15.36 -31.97 -1.30
N LEU C 47 -14.96 -30.84 -1.85
CA LEU C 47 -13.55 -30.46 -1.92
C LEU C 47 -13.26 -29.20 -1.12
N ILE C 48 -13.99 -28.12 -1.36
CA ILE C 48 -13.74 -26.84 -0.71
C ILE C 48 -15.06 -26.35 -0.12
N TYR C 49 -15.09 -26.19 1.19
CA TYR C 49 -16.23 -25.58 1.86
C TYR C 49 -15.88 -24.15 2.25
N SER C 50 -16.92 -23.31 2.33
CA SER C 50 -16.79 -21.88 2.60
C SER C 50 -15.99 -21.16 1.52
N ALA C 51 -15.85 -21.78 0.35
CA ALA C 51 -15.28 -21.18 -0.86
C ALA C 51 -13.77 -20.96 -0.76
N SER C 52 -13.19 -21.19 0.41
CA SER C 52 -11.75 -21.00 0.57
C SER C 52 -11.08 -22.05 1.46
N SER C 53 -11.82 -22.98 2.05
CA SER C 53 -11.28 -23.92 3.02
C SER C 53 -11.29 -25.32 2.44
N LEU C 54 -10.12 -25.95 2.40
CA LEU C 54 -10.02 -27.32 1.91
C LEU C 54 -10.64 -28.29 2.90
N TYR C 55 -11.29 -29.32 2.37
CA TYR C 55 -11.87 -30.37 3.20
C TYR C 55 -10.79 -31.33 3.68
N SER C 56 -11.12 -32.04 4.76
CA SER C 56 -10.19 -33.02 5.32
C SER C 56 -10.03 -34.21 4.38
N GLY C 57 -8.81 -34.69 4.25
CA GLY C 57 -8.53 -35.82 3.37
C GLY C 57 -8.55 -35.48 1.89
N VAL C 58 -8.33 -34.22 1.54
CA VAL C 58 -8.34 -33.76 0.16
C VAL C 58 -6.95 -33.25 -0.17
N PRO C 59 -6.35 -33.65 -1.29
CA PRO C 59 -5.02 -33.13 -1.64
C PRO C 59 -5.04 -31.62 -1.84
N SER C 60 -3.93 -30.99 -1.54
CA SER C 60 -3.84 -29.52 -1.56
C SER C 60 -3.78 -28.94 -2.95
N ARG C 61 -4.00 -29.70 -4.01
CA ARG C 61 -4.05 -29.10 -5.35
C ARG C 61 -5.22 -28.14 -5.46
N PHE C 62 -6.38 -28.52 -4.93
CA PHE C 62 -7.57 -27.69 -5.05
C PHE C 62 -7.49 -26.50 -4.09
N SER C 63 -7.61 -25.29 -4.64
CA SER C 63 -7.62 -24.08 -3.84
C SER C 63 -8.71 -23.16 -4.37
N GLY C 64 -9.49 -22.59 -3.45
CA GLY C 64 -10.61 -21.74 -3.81
C GLY C 64 -10.47 -20.35 -3.25
N SER C 65 -10.94 -19.37 -4.02
CA SER C 65 -10.90 -17.97 -3.62
C SER C 65 -12.23 -17.32 -3.95
N ARG C 66 -12.57 -16.28 -3.19
CA ARG C 66 -13.80 -15.53 -3.38
C ARG C 66 -13.47 -14.06 -3.57
N SER C 67 -13.99 -13.46 -4.63
CA SER C 67 -13.82 -12.03 -4.92
C SER C 67 -15.21 -11.45 -5.09
N GLY C 68 -15.80 -10.98 -3.99
CA GLY C 68 -17.17 -10.49 -4.04
C GLY C 68 -18.15 -11.60 -4.34
N THR C 69 -18.73 -11.57 -5.54
CA THR C 69 -19.66 -12.60 -5.99
C THR C 69 -18.98 -13.63 -6.89
N ASP C 70 -17.68 -13.46 -7.16
CA ASP C 70 -16.94 -14.33 -8.07
C ASP C 70 -16.21 -15.39 -7.24
N PHE C 71 -16.57 -16.65 -7.44
CA PHE C 71 -15.96 -17.77 -6.73
C PHE C 71 -15.22 -18.64 -7.74
N THR C 72 -13.94 -18.90 -7.47
CA THR C 72 -13.09 -19.66 -8.38
C THR C 72 -12.47 -20.84 -7.65
N LEU C 73 -12.41 -21.98 -8.33
CA LEU C 73 -11.74 -23.17 -7.84
C LEU C 73 -10.51 -23.43 -8.71
N THR C 74 -9.35 -23.56 -8.08
CA THR C 74 -8.08 -23.71 -8.78
C THR C 74 -7.43 -25.03 -8.41
N ILE C 75 -6.94 -25.74 -9.42
CA ILE C 75 -6.18 -26.96 -9.24
C ILE C 75 -4.74 -26.67 -9.67
N SER C 76 -3.80 -26.80 -8.72
CA SER C 76 -2.41 -26.43 -9.00
C SER C 76 -1.81 -27.32 -10.07
N SER C 77 -1.90 -28.63 -9.89
CA SER C 77 -1.40 -29.60 -10.86
C SER C 77 -2.52 -30.57 -11.20
N LEU C 78 -2.82 -30.70 -12.48
CA LEU C 78 -3.91 -31.56 -12.93
C LEU C 78 -3.40 -33.00 -13.02
N GLN C 79 -3.49 -33.72 -11.90
CA GLN C 79 -3.13 -35.12 -11.90
C GLN C 79 -4.12 -35.92 -12.74
N PRO C 80 -3.71 -37.08 -13.23
CA PRO C 80 -4.63 -37.89 -14.07
C PRO C 80 -5.90 -38.30 -13.36
N GLU C 81 -5.91 -38.32 -12.03
CA GLU C 81 -7.10 -38.71 -11.28
C GLU C 81 -8.10 -37.57 -11.13
N ASP C 82 -7.72 -36.33 -11.43
CA ASP C 82 -8.62 -35.19 -11.31
C ASP C 82 -9.34 -34.91 -12.63
N PHE C 83 -9.96 -35.93 -13.20
CA PHE C 83 -10.72 -35.81 -14.45
C PHE C 83 -12.15 -36.21 -14.15
N ALA C 84 -12.96 -35.22 -13.76
CA ALA C 84 -14.35 -35.44 -13.40
C ALA C 84 -15.10 -34.13 -13.50
N THR C 85 -16.42 -34.20 -13.33
CA THR C 85 -17.30 -33.03 -13.43
C THR C 85 -17.30 -32.32 -12.09
N TYR C 86 -16.86 -31.06 -12.08
CA TYR C 86 -16.85 -30.27 -10.86
C TYR C 86 -18.11 -29.42 -10.78
N TYR C 87 -18.79 -29.48 -9.63
CA TYR C 87 -20.08 -28.83 -9.46
C TYR C 87 -19.96 -27.71 -8.44
N CYS C 88 -20.41 -26.52 -8.82
CA CYS C 88 -20.55 -25.42 -7.88
C CYS C 88 -21.72 -25.67 -6.94
N GLN C 89 -21.75 -24.91 -5.84
CA GLN C 89 -22.90 -24.96 -4.94
C GLN C 89 -22.85 -23.75 -4.03
N GLN C 90 -24.02 -23.16 -3.80
CA GLN C 90 -24.19 -22.10 -2.81
C GLN C 90 -25.18 -22.58 -1.77
N TYR C 91 -24.86 -22.35 -0.49
CA TYR C 91 -25.63 -22.91 0.60
C TYR C 91 -25.93 -21.83 1.65
N LEU C 92 -26.44 -20.69 1.18
CA LEU C 92 -26.76 -19.59 2.08
C LEU C 92 -27.79 -20.00 3.12
N TYR C 93 -28.78 -20.79 2.71
CA TYR C 93 -29.79 -21.28 3.63
C TYR C 93 -30.22 -22.67 3.16
N TYR C 94 -30.86 -23.41 4.06
CA TYR C 94 -31.17 -24.81 3.79
C TYR C 94 -32.07 -24.96 2.56
N SER C 95 -33.06 -24.10 2.42
CA SER C 95 -34.01 -24.17 1.32
C SER C 95 -33.57 -23.33 0.12
N LEU C 96 -32.39 -22.71 0.16
CA LEU C 96 -31.90 -21.86 -0.91
C LEU C 96 -30.68 -22.46 -1.60
N VAL C 97 -30.61 -23.78 -1.69
CA VAL C 97 -29.45 -24.47 -2.24
C VAL C 97 -29.62 -24.59 -3.75
N THR C 98 -28.67 -24.02 -4.49
CA THR C 98 -28.65 -24.13 -5.94
C THR C 98 -27.24 -24.49 -6.39
N PHE C 99 -27.12 -25.52 -7.21
CA PHE C 99 -25.84 -25.99 -7.71
C PHE C 99 -25.49 -25.29 -9.02
N GLY C 100 -24.23 -25.45 -9.43
CA GLY C 100 -23.79 -24.95 -10.72
C GLY C 100 -24.29 -25.84 -11.85
N GLN C 101 -23.64 -25.76 -13.01
CA GLN C 101 -24.04 -26.56 -14.16
C GLN C 101 -23.07 -27.68 -14.49
N GLY C 102 -21.85 -27.64 -13.97
CA GLY C 102 -20.91 -28.72 -14.18
C GLY C 102 -19.81 -28.39 -15.16
N THR C 103 -18.57 -28.52 -14.73
CA THR C 103 -17.40 -28.30 -15.58
C THR C 103 -16.60 -29.60 -15.59
N LYS C 104 -16.70 -30.34 -16.68
CA LYS C 104 -15.99 -31.61 -16.80
C LYS C 104 -14.62 -31.39 -17.43
N VAL C 105 -13.58 -31.53 -16.62
CA VAL C 105 -12.21 -31.35 -17.08
C VAL C 105 -11.81 -32.55 -17.92
N GLU C 106 -11.48 -32.30 -19.19
CA GLU C 106 -11.14 -33.37 -20.12
C GLU C 106 -9.69 -33.26 -20.57
N LEU D 4 38.66 11.55 -5.35
CA LEU D 4 40.02 11.00 -5.34
C LEU D 4 40.94 11.82 -6.25
N VAL D 5 41.79 12.64 -5.64
CA VAL D 5 42.74 13.47 -6.37
C VAL D 5 44.13 13.20 -5.83
N GLU D 6 45.04 12.79 -6.71
CA GLU D 6 46.41 12.46 -6.33
C GLU D 6 47.25 13.74 -6.29
N SER D 7 48.55 13.59 -6.16
CA SER D 7 49.48 14.72 -6.13
C SER D 7 50.89 14.19 -6.37
N GLY D 8 51.87 15.09 -6.29
CA GLY D 8 53.26 14.70 -6.51
C GLY D 8 54.15 15.92 -6.41
N GLY D 9 55.45 15.67 -6.58
CA GLY D 9 56.45 16.71 -6.57
C GLY D 9 57.34 16.62 -5.33
N GLY D 10 58.20 17.62 -5.21
CA GLY D 10 59.14 17.65 -4.11
C GLY D 10 59.88 18.97 -4.03
N LEU D 11 60.98 18.95 -3.27
CA LEU D 11 61.79 20.14 -3.04
C LEU D 11 62.90 20.24 -4.08
N VAL D 12 63.50 21.43 -4.16
CA VAL D 12 64.58 21.70 -5.11
C VAL D 12 65.31 22.96 -4.68
N GLN D 13 66.54 23.11 -5.15
CA GLN D 13 67.31 24.31 -4.91
C GLN D 13 66.72 25.50 -5.65
N PRO D 14 66.96 26.72 -5.18
CA PRO D 14 66.40 27.89 -5.86
C PRO D 14 66.92 28.02 -7.29
N GLY D 15 66.03 28.49 -8.17
CA GLY D 15 66.33 28.58 -9.58
C GLY D 15 66.10 27.31 -10.37
N GLY D 16 65.72 26.22 -9.71
CA GLY D 16 65.48 24.95 -10.37
C GLY D 16 64.05 24.80 -10.84
N SER D 17 63.79 23.65 -11.45
CA SER D 17 62.47 23.34 -12.00
C SER D 17 62.11 21.90 -11.69
N LEU D 18 60.80 21.67 -11.55
CA LEU D 18 60.27 20.34 -11.30
C LEU D 18 58.80 20.30 -11.66
N ARG D 19 58.30 19.12 -12.02
CA ARG D 19 56.95 18.96 -12.56
C ARG D 19 56.03 18.40 -11.47
N LEU D 20 55.26 19.29 -10.85
CA LEU D 20 54.20 18.84 -9.95
C LEU D 20 53.10 18.14 -10.75
N SER D 21 52.86 16.88 -10.43
CA SER D 21 51.85 16.07 -11.11
C SER D 21 50.64 15.88 -10.21
N CYS D 22 49.48 15.68 -10.85
CA CYS D 22 48.25 15.43 -10.10
C CYS D 22 47.30 14.65 -11.01
N ALA D 23 47.19 13.35 -10.77
CA ALA D 23 46.25 12.53 -11.51
C ALA D 23 44.87 12.60 -10.86
N ALA D 24 43.84 12.40 -11.68
CA ALA D 24 42.47 12.48 -11.21
C ALA D 24 41.64 11.39 -11.86
N SER D 25 40.54 11.04 -11.22
CA SER D 25 39.64 10.04 -11.75
C SER D 25 38.97 10.55 -13.03
N GLY D 26 38.31 9.63 -13.73
CA GLY D 26 37.63 9.99 -14.96
C GLY D 26 36.54 11.02 -14.75
N TYR D 27 35.85 10.94 -13.62
CA TYR D 27 34.82 11.93 -13.30
C TYR D 27 35.43 13.29 -12.97
N ILE D 28 36.47 13.29 -12.12
CA ILE D 28 37.05 14.54 -11.64
C ILE D 28 37.95 15.21 -12.65
N TYR D 29 38.14 14.62 -13.83
CA TYR D 29 38.97 15.21 -14.86
C TYR D 29 38.15 15.73 -16.03
N SER D 30 37.25 14.92 -16.58
CA SER D 30 36.59 15.25 -17.84
C SER D 30 35.74 16.50 -17.74
N ARG D 31 34.88 16.59 -16.73
CA ARG D 31 33.94 17.69 -16.60
C ARG D 31 34.34 18.74 -15.57
N TYR D 32 35.47 18.55 -14.88
CA TYR D 32 35.85 19.41 -13.77
C TYR D 32 37.06 20.24 -14.13
N ARG D 33 37.02 21.53 -13.81
CA ARG D 33 38.13 22.44 -14.08
C ARG D 33 39.26 22.16 -13.11
N MET D 34 40.30 21.50 -13.60
CA MET D 34 41.40 21.07 -12.76
C MET D 34 42.43 22.20 -12.66
N GLY D 35 42.77 22.57 -11.42
CA GLY D 35 43.68 23.68 -11.21
C GLY D 35 44.54 23.46 -9.98
N TRP D 36 45.51 24.35 -9.81
CA TRP D 36 46.46 24.27 -8.71
C TRP D 36 46.37 25.54 -7.86
N TYR D 37 46.36 25.36 -6.55
CA TYR D 37 46.35 26.48 -5.60
C TYR D 37 47.52 26.34 -4.64
N ARG D 38 48.22 27.44 -4.42
CA ARG D 38 49.35 27.49 -3.49
C ARG D 38 48.89 28.11 -2.18
N GLN D 39 49.23 27.45 -1.07
CA GLN D 39 48.94 27.95 0.27
C GLN D 39 50.27 28.26 0.94
N ALA D 40 50.72 29.51 0.83
CA ALA D 40 51.96 29.91 1.47
C ALA D 40 51.83 29.82 2.98
N PRO D 41 52.91 29.48 3.68
CA PRO D 41 52.85 29.44 5.15
C PRO D 41 52.45 30.80 5.72
N GLY D 42 51.58 30.75 6.73
CA GLY D 42 51.02 31.98 7.25
C GLY D 42 50.12 32.71 6.27
N LYS D 43 49.57 32.02 5.29
CA LYS D 43 48.74 32.62 4.26
C LYS D 43 47.72 31.60 3.77
N GLY D 44 46.68 32.10 3.09
CA GLY D 44 45.67 31.25 2.53
C GLY D 44 46.00 30.78 1.12
N ARG D 45 45.18 29.85 0.62
CA ARG D 45 45.39 29.32 -0.71
C ARG D 45 45.10 30.38 -1.77
N GLU D 46 45.92 30.41 -2.82
CA GLU D 46 45.72 31.32 -3.93
C GLU D 46 45.92 30.59 -5.25
N PHE D 47 45.24 31.08 -6.29
CA PHE D 47 45.27 30.46 -7.60
C PHE D 47 46.67 30.45 -8.20
N VAL D 48 47.04 29.32 -8.79
CA VAL D 48 48.33 29.18 -9.46
C VAL D 48 48.16 28.77 -10.92
N ALA D 49 47.13 27.99 -11.23
CA ALA D 49 46.94 27.48 -12.59
C ALA D 49 45.58 26.81 -12.71
N ALA D 50 45.21 26.50 -13.95
CA ALA D 50 44.02 25.74 -14.31
C ALA D 50 44.10 25.41 -15.80
N ILE D 51 43.62 24.23 -16.17
CA ILE D 51 43.86 23.75 -17.53
C ILE D 51 42.59 23.24 -18.21
N SER D 52 41.54 22.99 -17.44
CA SER D 52 40.37 22.33 -18.02
C SER D 52 39.07 22.99 -17.62
N GLY D 53 37.95 22.33 -17.89
CA GLY D 53 36.64 22.85 -17.51
C GLY D 53 35.90 23.58 -18.60
N GLY D 54 36.25 23.37 -19.86
CA GLY D 54 35.62 24.10 -20.95
C GLY D 54 35.94 25.59 -20.94
N SER D 55 37.16 25.94 -20.53
CA SER D 55 37.57 27.34 -20.48
C SER D 55 39.06 27.41 -20.79
N SER D 56 39.51 28.60 -21.20
CA SER D 56 40.92 28.80 -21.51
C SER D 56 41.76 28.64 -20.26
N THR D 57 43.01 28.20 -20.45
CA THR D 57 43.92 28.05 -19.32
C THR D 57 44.20 29.40 -18.68
N ASN D 58 44.42 29.39 -17.38
CA ASN D 58 44.58 30.62 -16.62
C ASN D 58 45.75 30.45 -15.65
N TYR D 59 46.63 31.45 -15.63
CA TYR D 59 47.74 31.50 -14.69
C TYR D 59 47.59 32.71 -13.79
N ALA D 60 48.10 32.60 -12.57
CA ALA D 60 48.19 33.77 -11.70
C ALA D 60 49.14 34.78 -12.32
N ASP D 61 48.83 36.08 -12.12
CA ASP D 61 49.66 37.12 -12.72
C ASP D 61 51.09 37.08 -12.20
N SER D 62 51.30 36.50 -11.02
CA SER D 62 52.64 36.41 -10.44
C SER D 62 53.41 35.19 -10.91
N VAL D 63 52.79 34.28 -11.67
CA VAL D 63 53.45 33.04 -12.05
C VAL D 63 53.42 32.85 -13.56
N LYS D 64 52.76 33.77 -14.28
CA LYS D 64 52.59 33.59 -15.71
C LYS D 64 53.92 33.49 -16.45
N GLY D 65 54.98 34.08 -15.89
CA GLY D 65 56.25 34.08 -16.58
C GLY D 65 56.89 32.72 -16.70
N ARG D 66 56.85 31.92 -15.64
CA ARG D 66 57.65 30.70 -15.55
C ARG D 66 56.81 29.51 -15.09
N PHE D 67 55.50 29.55 -15.32
CA PHE D 67 54.64 28.42 -14.99
C PHE D 67 53.96 27.91 -16.25
N THR D 68 53.65 26.61 -16.25
CA THR D 68 52.98 26.00 -17.39
C THR D 68 52.24 24.76 -16.88
N ILE D 69 50.91 24.83 -16.85
CA ILE D 69 50.12 23.67 -16.48
C ILE D 69 49.81 22.85 -17.73
N SER D 70 49.93 21.53 -17.61
CA SER D 70 49.70 20.64 -18.73
C SER D 70 48.78 19.51 -18.29
N ARG D 71 48.27 18.77 -19.27
CA ARG D 71 47.31 17.70 -19.02
C ARG D 71 47.73 16.49 -19.85
N ASP D 72 46.92 15.43 -19.80
CA ASP D 72 47.15 14.24 -20.60
C ASP D 72 45.86 13.43 -20.72
N ASN D 73 45.36 13.27 -21.94
CA ASN D 73 44.09 12.60 -22.15
C ASN D 73 44.16 11.10 -21.91
N SER D 74 45.36 10.52 -21.82
CA SER D 74 45.50 9.07 -21.72
C SER D 74 45.52 8.58 -20.27
N LYS D 75 46.47 9.04 -19.48
CA LYS D 75 46.64 8.56 -18.11
C LYS D 75 45.78 9.30 -17.10
N ASN D 76 44.97 10.26 -17.55
CA ASN D 76 44.07 11.02 -16.68
C ASN D 76 44.84 11.74 -15.57
N THR D 77 45.80 12.57 -15.99
CA THR D 77 46.64 13.33 -15.09
C THR D 77 46.73 14.79 -15.56
N VAL D 78 47.14 15.66 -14.64
CA VAL D 78 47.44 17.05 -14.93
C VAL D 78 48.79 17.39 -14.29
N TYR D 79 49.68 17.99 -15.07
CA TYR D 79 51.01 18.37 -14.61
C TYR D 79 51.15 19.88 -14.55
N LEU D 80 51.85 20.36 -13.52
CA LEU D 80 52.25 21.75 -13.42
C LEU D 80 53.76 21.84 -13.61
N GLN D 81 54.19 22.65 -14.58
CA GLN D 81 55.60 22.77 -14.97
C GLN D 81 56.12 24.13 -14.54
N MET D 82 56.68 24.18 -13.34
CA MET D 82 57.38 25.38 -12.90
C MET D 82 58.76 25.45 -13.56
N ASN D 83 59.19 26.67 -13.86
CA ASN D 83 60.46 26.88 -14.55
C ASN D 83 61.49 27.57 -13.67
N SER D 84 61.17 28.74 -13.13
CA SER D 84 62.08 29.49 -12.27
C SER D 84 61.47 29.54 -10.87
N LEU D 85 61.88 28.60 -10.02
CA LEU D 85 61.33 28.46 -8.67
C LEU D 85 62.22 29.26 -7.72
N ARG D 86 61.84 30.51 -7.48
CA ARG D 86 62.56 31.39 -6.57
C ARG D 86 61.55 32.24 -5.82
N ALA D 87 62.05 33.27 -5.16
CA ALA D 87 61.22 34.24 -4.39
C ALA D 87 60.47 33.45 -3.32
N GLU D 88 59.18 33.73 -3.11
CA GLU D 88 58.39 33.04 -2.10
C GLU D 88 57.54 31.91 -2.69
N ASP D 89 58.00 31.27 -3.76
CA ASP D 89 57.29 30.10 -4.29
C ASP D 89 57.36 28.91 -3.34
N THR D 90 58.21 28.96 -2.31
CA THR D 90 58.22 27.92 -1.29
C THR D 90 56.88 27.90 -0.56
N ALA D 91 56.09 26.86 -0.79
CA ALA D 91 54.76 26.73 -0.21
C ALA D 91 54.29 25.30 -0.45
N VAL D 92 53.03 25.03 -0.09
CA VAL D 92 52.40 23.74 -0.29
C VAL D 92 51.29 23.92 -1.34
N TYR D 93 51.33 23.09 -2.37
CA TYR D 93 50.44 23.24 -3.53
C TYR D 93 49.33 22.21 -3.45
N TYR D 94 48.09 22.68 -3.53
CA TYR D 94 46.91 21.82 -3.56
C TYR D 94 46.38 21.74 -5.00
N CYS D 95 45.95 20.56 -5.39
CA CYS D 95 45.45 20.32 -6.74
C CYS D 95 43.92 20.21 -6.66
N ALA D 96 43.24 21.31 -6.94
CA ALA D 96 41.80 21.37 -6.84
C ALA D 96 41.15 21.17 -8.20
N ALA D 97 39.94 20.60 -8.19
CA ALA D 97 39.14 20.39 -9.40
C ALA D 97 37.72 20.83 -9.10
N TYR D 98 37.44 22.11 -9.34
CA TYR D 98 36.16 22.71 -8.98
C TYR D 98 35.22 22.71 -10.17
N LYS D 99 33.97 22.32 -9.93
CA LYS D 99 32.93 22.39 -10.94
C LYS D 99 31.81 23.26 -10.39
N ILE D 100 31.48 24.32 -11.12
CA ILE D 100 30.54 25.34 -10.65
C ILE D 100 29.18 25.05 -11.25
N ASP D 101 28.22 24.75 -10.40
CA ASP D 101 26.86 24.40 -10.82
C ASP D 101 25.90 24.80 -9.71
N SER D 102 24.69 24.26 -9.75
CA SER D 102 23.72 24.49 -8.68
C SER D 102 24.05 23.72 -7.41
N ASN D 103 25.01 22.80 -7.47
CA ASN D 103 25.58 22.17 -6.28
C ASN D 103 27.10 22.22 -6.46
N PRO D 104 27.70 23.40 -6.28
CA PRO D 104 29.13 23.54 -6.56
C PRO D 104 29.97 22.63 -5.68
N ARG D 105 31.02 22.06 -6.26
CA ARG D 105 31.92 21.17 -5.57
C ARG D 105 33.35 21.57 -5.86
N VAL D 106 34.22 21.38 -4.87
CA VAL D 106 35.65 21.64 -5.02
C VAL D 106 36.38 20.44 -4.46
N TYR D 107 36.95 19.62 -5.33
CA TYR D 107 37.69 18.44 -4.93
C TYR D 107 39.14 18.84 -4.67
N TRP D 108 39.54 18.90 -3.41
CA TRP D 108 40.90 19.25 -3.05
C TRP D 108 41.79 18.01 -3.12
N GLY D 109 43.03 18.13 -2.65
CA GLY D 109 43.95 17.02 -2.66
C GLY D 109 45.03 17.21 -1.62
N GLN D 110 45.77 16.13 -1.36
CA GLN D 110 46.86 16.19 -0.40
C GLN D 110 47.95 17.13 -0.90
N GLY D 111 48.38 18.04 -0.03
CA GLY D 111 49.38 19.02 -0.42
C GLY D 111 50.78 18.44 -0.47
N THR D 112 51.61 19.05 -1.31
CA THR D 112 53.02 18.66 -1.46
C THR D 112 53.88 19.88 -1.19
N GLN D 113 54.70 19.81 -0.14
CA GLN D 113 55.57 20.91 0.20
C GLN D 113 56.66 21.08 -0.86
N VAL D 114 56.84 22.32 -1.33
CA VAL D 114 57.84 22.64 -2.34
C VAL D 114 58.70 23.77 -1.80
N THR D 115 60.02 23.63 -1.96
CA THR D 115 60.97 24.65 -1.51
C THR D 115 62.08 24.85 -2.52
CL LSN E . 21.23 27.08 -6.83
C17 LSN E . 21.11 26.65 -5.18
C15 LSN E . 22.13 26.39 -4.33
C16 LSN E . 23.61 26.37 -4.51
O LSN E . 24.15 25.06 -4.35
N6 LSN E . 19.89 26.57 -4.58
C18 LSN E . 20.15 26.25 -3.33
C19 LSN E . 19.14 26.05 -2.25
C20 LSN E . 17.73 26.38 -2.71
C21 LSN E . 16.68 26.07 -1.66
C22 LSN E . 15.28 26.27 -2.15
N5 LSN E . 21.50 26.12 -3.12
C12 LSN E . 22.19 25.79 -1.87
C11 LSN E . 21.84 24.42 -1.33
C10 LSN E . 21.51 23.38 -2.19
C9 LSN E . 21.18 22.13 -1.69
C13 LSN E . 21.85 24.18 0.03
C14 LSN E . 21.54 22.93 0.53
C8 LSN E . 21.20 21.88 -0.32
C7 LSN E . 20.83 20.54 0.22
C6 LSN E . 19.54 20.07 0.02
C5 LSN E . 19.14 18.84 0.54
C4 LSN E . 20.03 18.06 1.24
C3 LSN E . 21.33 18.50 1.44
C2 LSN E . 21.74 19.74 0.94
C1 LSN E . 23.13 20.15 1.19
N1 LSN E . 23.96 20.56 0.23
N4 LSN E . 23.70 20.15 2.41
N3 LSN E . 24.94 20.58 2.22
N2 LSN E . 25.06 20.81 0.92
#